data_7R74
#
_entry.id   7R74
#
_cell.length_a   121.077
_cell.length_b   87.403
_cell.length_c   91.581
_cell.angle_alpha   90.000
_cell.angle_beta   109.120
_cell.angle_gamma   90.000
#
_symmetry.space_group_name_H-M   'C 1 2 1'
#
loop_
_entity.id
_entity.type
_entity.pdbx_description
1 polymer 'Glycoprotein 120'
2 polymer 'Antibody C8 VHH domain'
3 non-polymer 2-acetamido-2-deoxy-beta-D-glucopyranose
4 water water
#
loop_
_entity_poly.entity_id
_entity_poly.type
_entity_poly.pdbx_seq_one_letter_code
_entity_poly.pdbx_strand_id
1 'polypeptide(L)'
;VWKEATTTLFCASDAKAYDTEVHNVWATHACVPTDPNPQEVVLVNVTENFNMWKNDMVEQMHEDIISLWDQSLKPCVKLT
GGSVITQACPKVSFEPIPIHYCAPAGFAILKCNNKTFNGTGPCTNVSTVQCTHGIRPVVSTQLLLNGSLAEEEVVIRSVN
FTDNAKTIIVQLNTSVEINCTRPNNGGSGSGGNMRQAHCNISRAKWNNTLKQIASKLREQFGNNKTIIFKQSSGGDPEIV
THSFNCGGEFFYCNSTQLFNSTWFNSTWSTEGSNNTEGSDTITLPCRIKQIINMWQKVGKAMYAPPISGQIRCSSNITGL
LLTRDGGNSNNESEIFRPGGGDMRDNWRSELYKYKVVKIE
;
A,C
2 'polypeptide(L)'
;AVQLVDSGGGLVQAGGSLRLSCVVSGSIFSINAMGWYRQAPGKQRDLVARISGDSSTYYIDSVKGRFTISRDNAANTVYL
QMNSLKPEDTAVYYCAARRLPIGDYTDWGQGTQVTVSS
;
B,D
#
# COMPACT_ATOMS: atom_id res chain seq x y z
N TRP A 2 0.65 7.70 -19.56
CA TRP A 2 0.68 8.27 -18.22
C TRP A 2 1.38 9.63 -18.24
N LYS A 3 0.57 10.69 -18.15
CA LYS A 3 1.10 12.06 -18.19
C LYS A 3 0.10 12.99 -17.51
N GLU A 4 0.61 14.14 -17.09
CA GLU A 4 -0.24 15.16 -16.48
C GLU A 4 -1.12 15.82 -17.53
N ALA A 5 -2.35 16.15 -17.16
CA ALA A 5 -3.30 16.73 -18.10
C ALA A 5 -4.40 17.47 -17.35
N THR A 6 -5.06 18.35 -18.07
CA THR A 6 -6.23 19.08 -17.58
C THR A 6 -7.47 18.57 -18.30
N THR A 7 -8.52 18.29 -17.54
CA THR A 7 -9.79 17.87 -18.13
C THR A 7 -10.91 18.12 -17.13
N THR A 8 -12.13 18.09 -17.64
CA THR A 8 -13.31 18.34 -16.82
C THR A 8 -13.70 17.05 -16.10
N LEU A 9 -13.44 17.00 -14.79
CA LEU A 9 -13.94 15.89 -13.99
C LEU A 9 -15.45 15.97 -13.89
N PHE A 10 -16.07 14.84 -13.59
CA PHE A 10 -17.49 14.86 -13.26
C PHE A 10 -17.64 14.78 -11.74
N CYS A 11 -18.86 14.98 -11.26
CA CYS A 11 -19.09 15.08 -9.83
C CYS A 11 -19.99 13.93 -9.38
N ALA A 12 -19.91 13.66 -8.08
CA ALA A 12 -20.62 12.51 -7.53
C ALA A 12 -20.95 12.77 -6.07
N SER A 13 -22.00 12.10 -5.60
CA SER A 13 -22.44 12.21 -4.22
C SER A 13 -22.47 10.85 -3.53
N ALA A 30 -27.92 16.34 -12.14
CA ALA A 30 -26.87 17.00 -11.36
C ALA A 30 -25.62 16.12 -11.30
N CYS A 31 -25.21 15.76 -10.10
CA CYS A 31 -24.08 14.85 -9.92
C CYS A 31 -24.55 13.41 -10.00
N VAL A 32 -23.59 12.51 -10.16
CA VAL A 32 -23.86 11.10 -10.44
C VAL A 32 -23.75 10.32 -9.13
N PRO A 33 -24.53 9.26 -8.93
CA PRO A 33 -24.33 8.41 -7.75
C PRO A 33 -22.90 7.88 -7.69
N THR A 34 -22.51 7.41 -6.50
CA THR A 34 -21.22 6.76 -6.33
C THR A 34 -21.19 6.09 -4.98
N ASP A 35 -20.10 5.38 -4.72
CA ASP A 35 -19.72 4.83 -3.43
C ASP A 35 -20.79 3.96 -2.76
N PRO A 36 -21.29 2.90 -3.41
CA PRO A 36 -21.80 1.77 -2.62
C PRO A 36 -20.68 0.89 -2.11
N ASN A 37 -19.47 1.06 -2.68
CA ASN A 37 -18.22 0.44 -2.28
C ASN A 37 -17.11 0.95 -3.20
N PRO A 38 -16.37 1.99 -2.81
CA PRO A 38 -15.24 2.44 -3.63
C PRO A 38 -14.08 1.45 -3.59
N GLN A 39 -12.91 1.88 -4.06
CA GLN A 39 -11.72 1.03 -4.00
C GLN A 39 -10.50 1.91 -4.17
N GLU A 40 -9.70 2.06 -3.11
CA GLU A 40 -8.40 2.66 -3.21
C GLU A 40 -7.36 1.58 -3.51
N VAL A 41 -6.32 1.97 -4.25
CA VAL A 41 -5.33 1.01 -4.75
C VAL A 41 -3.97 1.68 -4.76
N VAL A 42 -3.05 1.22 -3.92
CA VAL A 42 -1.71 1.79 -3.86
C VAL A 42 -0.87 1.22 -4.98
N LEU A 43 -0.29 2.10 -5.80
CA LEU A 43 0.60 1.68 -6.88
C LEU A 43 1.99 1.45 -6.31
N VAL A 44 2.42 0.18 -6.31
CA VAL A 44 3.64 -0.21 -5.61
C VAL A 44 4.86 0.31 -6.32
N ASN A 45 5.86 0.74 -5.54
CA ASN A 45 7.16 1.22 -6.03
C ASN A 45 7.04 2.50 -6.84
N VAL A 46 5.92 3.21 -6.74
CA VAL A 46 5.65 4.38 -7.57
C VAL A 46 5.78 5.63 -6.72
N THR A 47 6.56 6.58 -7.22
CA THR A 47 6.63 7.93 -6.67
C THR A 47 6.15 8.90 -7.73
N GLU A 48 5.34 9.88 -7.33
CA GLU A 48 4.70 10.79 -8.28
C GLU A 48 4.86 12.22 -7.81
N ASN A 49 5.12 13.13 -8.75
CA ASN A 49 5.33 14.53 -8.42
C ASN A 49 4.00 15.28 -8.38
N PHE A 50 3.75 15.98 -7.26
CA PHE A 50 2.54 16.76 -7.07
C PHE A 50 2.91 18.23 -6.88
N ASN A 51 1.99 19.10 -7.29
CA ASN A 51 2.15 20.55 -7.12
C ASN A 51 0.77 21.13 -6.86
N MET A 52 0.44 21.33 -5.58
CA MET A 52 -0.88 21.80 -5.19
C MET A 52 -1.18 23.22 -5.68
N TRP A 53 -0.17 23.96 -6.15
CA TRP A 53 -0.35 25.35 -6.54
C TRP A 53 -0.59 25.54 -8.03
N LYS A 54 -0.45 24.49 -8.83
CA LYS A 54 -0.83 24.49 -10.24
C LYS A 54 -1.68 23.27 -10.54
N ASN A 55 -2.72 23.08 -9.75
CA ASN A 55 -3.63 21.95 -9.87
C ASN A 55 -4.97 22.47 -10.38
N ASP A 56 -5.30 22.14 -11.63
CA ASP A 56 -6.50 22.68 -12.27
C ASP A 56 -7.79 22.18 -11.63
N MET A 57 -7.71 21.16 -10.77
CA MET A 57 -8.88 20.78 -9.99
C MET A 57 -9.36 21.93 -9.12
N VAL A 58 -8.41 22.73 -8.61
CA VAL A 58 -8.77 23.90 -7.82
C VAL A 58 -9.56 24.89 -8.66
N GLU A 59 -9.11 25.15 -9.89
CA GLU A 59 -9.83 26.08 -10.76
C GLU A 59 -11.22 25.56 -11.09
N GLN A 60 -11.33 24.27 -11.41
CA GLN A 60 -12.63 23.70 -11.70
C GLN A 60 -13.57 23.81 -10.50
N MET A 61 -13.07 23.55 -9.30
CA MET A 61 -13.94 23.61 -8.13
C MET A 61 -14.33 25.04 -7.80
N HIS A 62 -13.42 25.98 -7.99
CA HIS A 62 -13.77 27.40 -7.79
C HIS A 62 -14.89 27.80 -8.73
N GLU A 63 -14.78 27.43 -10.02
CA GLU A 63 -15.83 27.73 -10.97
C GLU A 63 -17.14 27.05 -10.58
N ASP A 64 -17.07 25.79 -10.14
CA ASP A 64 -18.28 25.07 -9.75
C ASP A 64 -18.95 25.71 -8.55
N ILE A 65 -18.17 26.23 -7.61
CA ILE A 65 -18.77 26.88 -6.43
C ILE A 65 -19.41 28.20 -6.81
N ILE A 66 -18.76 28.98 -7.68
CA ILE A 66 -19.36 30.22 -8.15
C ILE A 66 -20.69 29.93 -8.86
N SER A 67 -20.70 28.89 -9.70
CA SER A 67 -21.94 28.51 -10.37
C SER A 67 -22.98 28.02 -9.38
N LEU A 68 -22.55 27.33 -8.34
CA LEU A 68 -23.46 26.86 -7.30
C LEU A 68 -24.17 28.04 -6.63
N TRP A 69 -23.40 29.07 -6.27
CA TRP A 69 -24.00 30.25 -5.66
C TRP A 69 -24.94 30.97 -6.63
N ASP A 70 -24.53 31.11 -7.90
CA ASP A 70 -25.40 31.78 -8.87
C ASP A 70 -26.71 31.01 -9.04
N GLN A 71 -26.65 29.69 -9.10
CA GLN A 71 -27.86 28.89 -9.24
C GLN A 71 -28.72 28.96 -8.00
N SER A 72 -28.10 29.02 -6.81
CA SER A 72 -28.86 29.18 -5.58
C SER A 72 -29.55 30.54 -5.53
N LEU A 73 -28.98 31.55 -6.19
CA LEU A 73 -29.62 32.86 -6.23
C LEU A 73 -30.67 32.97 -7.33
N LYS A 74 -30.61 32.10 -8.34
CA LYS A 74 -31.57 32.15 -9.43
C LYS A 74 -33.05 32.21 -9.02
N PRO A 75 -33.54 31.44 -8.03
CA PRO A 75 -34.97 31.51 -7.71
C PRO A 75 -35.40 32.78 -6.98
N CYS A 76 -34.46 33.63 -6.59
CA CYS A 76 -34.80 34.87 -5.90
C CYS A 76 -35.02 36.04 -6.86
N VAL A 77 -34.95 35.81 -8.17
CA VAL A 77 -35.14 36.85 -9.15
C VAL A 77 -36.37 36.51 -9.99
N LYS A 78 -36.95 37.55 -10.59
CA LYS A 78 -38.07 37.42 -11.50
C LYS A 78 -37.77 38.24 -12.75
N LEU A 79 -38.00 37.64 -13.91
CA LEU A 79 -37.80 38.28 -15.21
C LEU A 79 -39.15 38.80 -15.68
N THR A 80 -39.49 40.01 -15.24
CA THR A 80 -40.77 40.63 -15.60
C THR A 80 -40.64 41.37 -16.94
N GLY A 81 -39.97 42.53 -16.90
CA GLY A 81 -39.85 43.33 -18.10
C GLY A 81 -38.52 44.05 -18.26
N GLY A 82 -37.68 43.55 -19.16
CA GLY A 82 -36.43 44.19 -19.50
C GLY A 82 -35.44 44.32 -18.37
N SER A 83 -35.69 43.59 -17.27
CA SER A 83 -34.83 43.64 -16.10
C SER A 83 -35.11 42.41 -15.25
N VAL A 84 -34.31 42.24 -14.20
CA VAL A 84 -34.51 41.18 -13.23
C VAL A 84 -34.74 41.83 -11.88
N ILE A 85 -35.74 41.34 -11.15
CA ILE A 85 -36.18 41.95 -9.90
C ILE A 85 -35.95 40.95 -8.76
N THR A 86 -35.55 41.45 -7.60
CA THR A 86 -35.44 40.61 -6.42
C THR A 86 -36.83 40.18 -5.97
N GLN A 87 -36.94 38.92 -5.51
CA GLN A 87 -38.26 38.36 -5.26
C GLN A 87 -38.38 37.61 -3.94
N ALA A 88 -38.79 36.34 -4.02
CA ALA A 88 -39.22 35.58 -2.85
C ALA A 88 -38.07 35.23 -1.92
N CYS A 89 -37.16 34.37 -2.37
CA CYS A 89 -35.96 33.97 -1.63
C CYS A 89 -36.31 33.21 -0.35
N PRO A 90 -36.49 31.89 -0.41
CA PRO A 90 -36.49 31.10 0.83
C PRO A 90 -35.09 31.09 1.43
N LYS A 91 -34.99 31.57 2.68
CA LYS A 91 -33.68 31.87 3.27
C LYS A 91 -32.84 30.61 3.46
N VAL A 92 -33.33 29.68 4.26
CA VAL A 92 -32.56 28.49 4.62
C VAL A 92 -32.25 27.67 3.37
N SER A 93 -31.15 28.00 2.71
CA SER A 93 -30.69 27.30 1.51
C SER A 93 -29.42 26.54 1.90
N PHE A 94 -29.59 25.29 2.34
CA PHE A 94 -28.46 24.50 2.80
C PHE A 94 -27.53 24.18 1.63
N GLU A 95 -26.31 24.69 1.72
CA GLU A 95 -25.29 24.59 0.67
C GLU A 95 -24.32 23.43 0.87
N PRO A 96 -23.71 23.24 2.06
CA PRO A 96 -22.58 22.30 2.13
C PRO A 96 -22.97 20.84 2.31
N ILE A 97 -22.97 20.10 1.19
CA ILE A 97 -23.03 18.65 1.23
C ILE A 97 -21.80 18.13 0.51
N PRO A 98 -21.14 17.09 1.02
CA PRO A 98 -19.89 16.63 0.40
C PRO A 98 -20.08 16.24 -1.06
N ILE A 99 -19.16 16.70 -1.90
CA ILE A 99 -19.12 16.31 -3.30
C ILE A 99 -17.80 15.62 -3.56
N HIS A 100 -17.79 14.77 -4.57
CA HIS A 100 -16.60 14.05 -4.99
C HIS A 100 -16.30 14.36 -6.45
N TYR A 101 -15.05 14.72 -6.74
CA TYR A 101 -14.62 14.92 -8.12
C TYR A 101 -14.05 13.60 -8.65
N CYS A 102 -14.46 13.25 -9.86
CA CYS A 102 -14.21 11.93 -10.40
C CYS A 102 -13.63 12.04 -11.80
N ALA A 103 -12.60 11.22 -12.06
CA ALA A 103 -11.94 11.23 -13.34
C ALA A 103 -12.81 10.55 -14.40
N PRO A 104 -12.89 11.10 -15.61
CA PRO A 104 -13.66 10.45 -16.66
C PRO A 104 -12.87 9.37 -17.36
N ALA A 105 -13.42 8.81 -18.44
CA ALA A 105 -12.76 7.74 -19.15
C ALA A 105 -11.43 8.22 -19.75
N GLY A 106 -10.41 7.37 -19.66
CA GLY A 106 -9.09 7.71 -20.14
C GLY A 106 -8.25 8.48 -19.15
N PHE A 107 -8.76 8.81 -17.98
CA PHE A 107 -8.04 9.56 -16.96
C PHE A 107 -8.07 8.80 -15.64
N ALA A 108 -7.31 9.29 -14.67
CA ALA A 108 -7.29 8.70 -13.35
C ALA A 108 -6.78 9.73 -12.35
N ILE A 109 -7.28 9.67 -11.11
CA ILE A 109 -6.89 10.64 -10.09
C ILE A 109 -5.85 9.97 -9.19
N LEU A 110 -4.64 10.49 -9.21
CA LEU A 110 -3.62 10.03 -8.28
C LEU A 110 -3.78 10.77 -6.95
N LYS A 111 -3.54 10.04 -5.85
CA LYS A 111 -3.75 10.55 -4.51
C LYS A 111 -2.49 10.30 -3.68
N CYS A 112 -1.95 11.37 -3.09
CA CYS A 112 -0.80 11.24 -2.21
C CYS A 112 -1.23 10.78 -0.83
N ASN A 113 -0.37 10.00 -0.19
CA ASN A 113 -0.69 9.42 1.11
C ASN A 113 0.32 9.75 2.20
N ASN A 114 1.42 10.44 1.86
CA ASN A 114 2.34 10.93 2.89
C ASN A 114 1.60 11.92 3.78
N LYS A 115 1.43 11.56 5.06
CA LYS A 115 0.62 12.36 5.96
C LYS A 115 1.19 13.74 6.23
N THR A 116 2.47 13.97 5.89
CA THR A 116 3.10 15.27 6.06
C THR A 116 3.54 15.86 4.73
N PHE A 117 2.90 15.46 3.63
CA PHE A 117 3.19 16.05 2.33
C PHE A 117 2.96 17.55 2.36
N ASN A 118 3.95 18.31 1.88
CA ASN A 118 3.85 19.76 1.84
C ASN A 118 3.13 20.26 0.59
N GLY A 119 2.70 19.36 -0.29
CA GLY A 119 1.95 19.72 -1.47
C GLY A 119 2.79 19.89 -2.72
N THR A 120 4.04 20.30 -2.59
CA THR A 120 4.94 20.52 -3.73
C THR A 120 6.12 19.57 -3.60
N GLY A 121 6.09 18.46 -4.34
CA GLY A 121 7.17 17.52 -4.30
C GLY A 121 6.76 16.11 -4.66
N PRO A 122 7.67 15.15 -4.51
CA PRO A 122 7.35 13.76 -4.84
C PRO A 122 6.75 12.98 -3.69
N CYS A 123 5.59 12.38 -3.92
CA CYS A 123 4.95 11.47 -2.99
C CYS A 123 5.41 10.05 -3.26
N THR A 124 5.92 9.39 -2.22
CA THR A 124 6.42 8.02 -2.33
C THR A 124 5.33 6.98 -2.20
N ASN A 125 4.24 7.30 -1.51
CA ASN A 125 3.10 6.40 -1.31
C ASN A 125 1.91 7.04 -2.03
N VAL A 126 1.70 6.64 -3.28
CA VAL A 126 0.65 7.21 -4.11
C VAL A 126 -0.33 6.11 -4.47
N SER A 127 -1.61 6.35 -4.19
CA SER A 127 -2.68 5.45 -4.61
C SER A 127 -3.41 6.05 -5.81
N THR A 128 -4.27 5.24 -6.42
CA THR A 128 -5.06 5.67 -7.56
C THR A 128 -6.54 5.54 -7.24
N VAL A 129 -7.32 6.54 -7.64
CA VAL A 129 -8.75 6.57 -7.38
C VAL A 129 -9.48 7.02 -8.64
N GLN A 130 -10.77 6.68 -8.68
CA GLN A 130 -11.69 7.22 -9.65
C GLN A 130 -12.43 8.44 -9.12
N CYS A 131 -12.46 8.65 -7.81
CA CYS A 131 -13.12 9.79 -7.20
C CYS A 131 -12.34 10.23 -5.97
N THR A 132 -12.44 11.51 -5.65
CA THR A 132 -11.86 12.05 -4.43
C THR A 132 -12.78 11.76 -3.25
N HIS A 133 -12.34 12.15 -2.05
CA HIS A 133 -13.19 12.01 -0.88
C HIS A 133 -14.29 13.06 -0.89
N GLY A 134 -15.23 12.92 0.03
CA GLY A 134 -16.32 13.88 0.14
C GLY A 134 -15.84 15.23 0.63
N ILE A 135 -15.72 16.18 -0.28
CA ILE A 135 -15.20 17.50 0.04
C ILE A 135 -16.37 18.44 0.35
N ARG A 136 -16.29 19.13 1.48
CA ARG A 136 -17.34 20.05 1.89
C ARG A 136 -17.02 21.44 1.35
N PRO A 137 -17.78 21.96 0.38
CA PRO A 137 -17.53 23.33 -0.09
C PRO A 137 -17.98 24.36 0.93
N VAL A 138 -17.05 24.81 1.77
CA VAL A 138 -17.34 25.76 2.84
C VAL A 138 -16.71 27.09 2.49
N VAL A 139 -17.53 28.12 2.30
CA VAL A 139 -17.05 29.47 2.04
C VAL A 139 -16.80 30.14 3.38
N SER A 140 -15.54 30.46 3.66
CA SER A 140 -15.18 31.15 4.89
C SER A 140 -13.83 31.82 4.69
N THR A 141 -13.53 32.78 5.55
CA THR A 141 -12.31 33.56 5.48
C THR A 141 -11.49 33.38 6.75
N GLN A 142 -10.18 33.59 6.62
CA GLN A 142 -9.23 33.46 7.73
C GLN A 142 -9.22 32.06 8.31
N LEU A 143 -10.35 31.61 8.83
CA LEU A 143 -10.45 30.27 9.40
C LEU A 143 -10.98 29.29 8.36
N LEU A 144 -10.42 28.09 8.35
CA LEU A 144 -10.92 26.99 7.54
C LEU A 144 -11.73 26.07 8.44
N LEU A 145 -13.01 25.91 8.12
CA LEU A 145 -13.93 25.18 8.97
C LEU A 145 -14.41 23.91 8.29
N ASN A 146 -14.69 22.89 9.11
CA ASN A 146 -15.32 21.65 8.66
C ASN A 146 -14.49 20.94 7.59
N GLY A 147 -13.18 21.16 7.59
CA GLY A 147 -12.30 20.54 6.62
C GLY A 147 -11.67 19.26 7.13
N SER A 148 -10.75 18.74 6.33
CA SER A 148 -10.01 17.55 6.70
C SER A 148 -8.87 17.90 7.65
N LEU A 149 -8.52 16.96 8.52
CA LEU A 149 -7.43 17.12 9.46
C LEU A 149 -6.18 16.42 8.96
N ALA A 150 -5.04 16.91 9.43
CA ALA A 150 -3.76 16.27 9.14
C ALA A 150 -3.45 15.22 10.19
N GLU A 151 -2.99 14.07 9.74
CA GLU A 151 -2.55 13.06 10.69
C GLU A 151 -1.20 13.44 11.29
N GLU A 152 -0.88 12.79 12.41
CA GLU A 152 0.20 13.19 13.33
C GLU A 152 0.34 14.70 13.45
N GLU A 153 1.20 15.31 12.64
CA GLU A 153 1.64 16.68 12.89
C GLU A 153 0.77 17.72 12.19
N VAL A 154 0.88 18.95 12.67
CA VAL A 154 0.35 20.11 11.96
C VAL A 154 1.22 20.37 10.74
N VAL A 155 0.58 20.71 9.62
CA VAL A 155 1.27 20.95 8.36
C VAL A 155 1.11 22.41 7.96
N ILE A 156 2.18 23.00 7.45
CA ILE A 156 2.14 24.33 6.84
C ILE A 156 2.61 24.19 5.39
N ARG A 157 1.94 24.90 4.48
CA ARG A 157 2.21 24.77 3.06
C ARG A 157 2.21 26.15 2.39
N SER A 158 3.18 26.36 1.51
CA SER A 158 3.31 27.60 0.76
C SER A 158 4.17 27.36 -0.46
N VAL A 159 3.95 28.17 -1.51
CA VAL A 159 4.74 28.06 -2.72
C VAL A 159 6.19 28.45 -2.45
N ASN A 160 6.40 29.38 -1.50
CA ASN A 160 7.72 29.96 -1.30
C ASN A 160 7.69 30.69 0.05
N PHE A 161 8.19 30.01 1.09
CA PHE A 161 8.19 30.62 2.43
C PHE A 161 9.06 31.87 2.47
N THR A 162 10.14 31.90 1.69
CA THR A 162 10.96 33.10 1.59
C THR A 162 10.17 34.27 1.01
N ASP A 163 9.08 33.99 0.30
CA ASP A 163 8.28 35.00 -0.38
C ASP A 163 7.04 35.28 0.46
N ASN A 164 7.08 36.35 1.24
CA ASN A 164 5.88 36.79 1.93
C ASN A 164 4.84 37.29 0.92
N ALA A 165 3.62 37.51 1.42
CA ALA A 165 2.43 37.78 0.63
C ALA A 165 1.99 36.58 -0.20
N LYS A 166 2.76 35.49 -0.20
CA LYS A 166 2.30 34.21 -0.71
C LYS A 166 1.60 33.48 0.42
N THR A 167 0.32 33.16 0.22
CA THR A 167 -0.51 32.64 1.30
C THR A 167 0.08 31.38 1.91
N ILE A 168 -0.12 31.22 3.22
CA ILE A 168 0.34 30.08 3.97
C ILE A 168 -0.88 29.31 4.46
N ILE A 169 -1.03 28.07 3.99
CA ILE A 169 -2.15 27.23 4.37
C ILE A 169 -1.73 26.34 5.53
N VAL A 170 -2.50 26.37 6.61
CA VAL A 170 -2.18 25.64 7.83
C VAL A 170 -3.26 24.59 8.06
N GLN A 171 -2.84 23.34 8.16
CA GLN A 171 -3.72 22.21 8.48
C GLN A 171 -3.37 21.70 9.86
N LEU A 172 -4.35 21.68 10.76
CA LEU A 172 -4.14 21.20 12.11
C LEU A 172 -4.34 19.68 12.17
N ASN A 173 -4.05 19.10 13.34
CA ASN A 173 -4.44 17.73 13.60
C ASN A 173 -5.56 17.62 14.61
N THR A 174 -5.64 18.53 15.57
CA THR A 174 -6.76 18.62 16.50
C THR A 174 -7.65 19.79 16.06
N SER A 175 -8.90 19.48 15.71
CA SER A 175 -9.84 20.54 15.38
C SER A 175 -10.25 21.29 16.65
N VAL A 176 -10.73 22.51 16.47
CA VAL A 176 -11.17 23.34 17.59
C VAL A 176 -12.66 23.65 17.41
N GLU A 177 -13.46 23.30 18.40
CA GLU A 177 -14.88 23.60 18.34
C GLU A 177 -15.10 25.11 18.39
N ILE A 178 -15.88 25.62 17.45
CA ILE A 178 -16.31 27.03 17.46
C ILE A 178 -17.83 27.02 17.48
N ASN A 179 -18.40 27.44 18.60
CA ASN A 179 -19.85 27.40 18.79
C ASN A 179 -20.38 28.83 18.69
N CYS A 180 -21.05 29.15 17.58
CA CYS A 180 -21.58 30.47 17.33
C CYS A 180 -23.09 30.48 17.51
N THR A 181 -23.62 31.59 18.05
CA THR A 181 -25.05 31.80 18.14
C THR A 181 -25.38 33.24 17.77
N ARG A 182 -26.67 33.51 17.61
CA ARG A 182 -27.14 34.86 17.31
C ARG A 182 -28.16 35.32 18.34
N ALA A 197 -25.25 38.14 18.86
CA ALA A 197 -24.57 37.41 17.81
C ALA A 197 -23.07 37.34 18.09
N HIS A 198 -22.57 36.13 18.37
CA HIS A 198 -21.17 35.95 18.74
C HIS A 198 -20.75 34.51 18.46
N CYS A 199 -19.46 34.26 18.63
CA CYS A 199 -18.90 32.93 18.54
C CYS A 199 -18.12 32.63 19.82
N ASN A 200 -17.93 31.35 20.10
CA ASN A 200 -17.24 30.93 21.31
C ASN A 200 -16.17 29.91 20.98
N ILE A 201 -14.95 30.15 21.48
CA ILE A 201 -13.81 29.26 21.33
C ILE A 201 -13.14 29.10 22.69
N SER A 202 -12.73 27.88 23.02
CA SER A 202 -12.03 27.63 24.27
C SER A 202 -10.63 28.21 24.21
N ARG A 203 -10.23 28.91 25.28
CA ARG A 203 -8.90 29.49 25.31
C ARG A 203 -7.82 28.42 25.38
N ALA A 204 -8.08 27.29 26.04
CA ALA A 204 -7.07 26.26 26.19
C ALA A 204 -6.78 25.57 24.86
N LYS A 205 -7.84 25.10 24.19
CA LYS A 205 -7.67 24.43 22.90
C LYS A 205 -6.98 25.35 21.89
N TRP A 206 -7.41 26.61 21.83
CA TRP A 206 -6.83 27.54 20.87
C TRP A 206 -5.39 27.89 21.25
N ASN A 207 -5.09 27.99 22.55
CA ASN A 207 -3.73 28.22 23.00
C ASN A 207 -2.81 27.11 22.53
N ASN A 208 -3.23 25.85 22.72
CA ASN A 208 -2.42 24.73 22.27
C ASN A 208 -2.27 24.71 20.76
N THR A 209 -3.35 25.04 20.04
CA THR A 209 -3.29 25.11 18.58
C THR A 209 -2.27 26.16 18.13
N LEU A 210 -2.30 27.34 18.74
CA LEU A 210 -1.37 28.40 18.38
C LEU A 210 0.06 28.00 18.71
N LYS A 211 0.27 27.30 19.82
CA LYS A 211 1.61 26.81 20.14
C LYS A 211 2.12 25.86 19.07
N GLN A 212 1.26 24.93 18.62
CA GLN A 212 1.65 24.01 17.55
C GLN A 212 2.02 24.78 16.28
N ILE A 213 1.19 25.74 15.89
CA ILE A 213 1.47 26.51 14.68
C ILE A 213 2.77 27.29 14.83
N ALA A 214 3.02 27.84 16.03
CA ALA A 214 4.23 28.62 16.24
C ALA A 214 5.48 27.76 16.10
N SER A 215 5.45 26.55 16.67
CA SER A 215 6.60 25.66 16.50
C SER A 215 6.80 25.27 15.04
N LYS A 216 5.70 24.97 14.34
CA LYS A 216 5.82 24.62 12.92
C LYS A 216 6.41 25.76 12.12
N LEU A 217 6.06 27.01 12.45
CA LEU A 217 6.62 28.16 11.74
C LEU A 217 8.09 28.38 12.12
N ARG A 218 8.44 28.12 13.38
CA ARG A 218 9.84 28.18 13.78
C ARG A 218 10.69 27.20 12.98
N GLU A 219 10.11 26.05 12.63
CA GLU A 219 10.85 25.07 11.84
C GLU A 219 11.30 25.66 10.50
N GLN A 220 10.44 26.45 9.86
CA GLN A 220 10.73 26.97 8.52
C GLN A 220 11.40 28.34 8.51
N PHE A 221 11.25 29.13 9.59
CA PHE A 221 11.74 30.50 9.58
C PHE A 221 12.87 30.76 10.57
N GLY A 222 13.22 29.82 11.43
CA GLY A 222 14.29 30.03 12.39
C GLY A 222 13.95 29.56 13.79
N ASN A 223 14.91 28.92 14.47
CA ASN A 223 14.63 28.36 15.78
C ASN A 223 14.57 29.43 16.86
N ASN A 224 15.56 30.34 16.88
CA ASN A 224 15.55 31.43 17.84
C ASN A 224 14.60 32.55 17.44
N LYS A 225 14.03 32.49 16.24
CA LYS A 225 13.10 33.52 15.81
C LYS A 225 11.79 33.43 16.59
N THR A 226 11.24 34.58 16.96
CA THR A 226 10.02 34.66 17.74
C THR A 226 8.82 34.87 16.82
N ILE A 227 7.73 34.16 17.10
CA ILE A 227 6.52 34.21 16.29
C ILE A 227 5.54 35.18 16.94
N ILE A 228 4.99 36.07 16.13
CA ILE A 228 4.03 37.07 16.59
C ILE A 228 2.74 36.90 15.80
N PHE A 229 1.62 36.76 16.51
CA PHE A 229 0.30 36.65 15.91
C PHE A 229 -0.46 37.94 16.18
N LYS A 230 -0.81 38.64 15.10
CA LYS A 230 -1.48 39.93 15.15
C LYS A 230 -2.64 39.96 14.16
N GLN A 231 -3.51 40.96 14.30
CA GLN A 231 -4.69 41.09 13.46
C GLN A 231 -4.31 41.38 12.01
N SER A 232 -5.23 41.06 11.11
CA SER A 232 -5.03 41.30 9.68
C SER A 232 -4.64 42.75 9.41
N SER A 233 -3.75 42.94 8.45
CA SER A 233 -3.20 44.25 8.11
C SER A 233 -3.86 44.84 6.87
N GLY A 234 -5.19 44.91 6.86
CA GLY A 234 -5.89 45.52 5.76
C GLY A 234 -6.59 46.80 6.16
N GLY A 235 -7.91 46.84 5.98
CA GLY A 235 -8.70 47.98 6.36
C GLY A 235 -10.18 47.75 6.15
N ASP A 236 -10.53 47.19 4.98
CA ASP A 236 -11.91 46.87 4.67
C ASP A 236 -12.46 45.90 5.71
N PRO A 237 -13.51 46.28 6.46
CA PRO A 237 -14.06 45.36 7.47
C PRO A 237 -14.62 44.07 6.89
N GLU A 238 -14.72 43.96 5.56
CA GLU A 238 -15.19 42.73 4.94
C GLU A 238 -14.10 41.67 4.87
N ILE A 239 -12.83 42.04 5.03
CA ILE A 239 -11.74 41.09 4.93
C ILE A 239 -10.96 40.93 6.24
N VAL A 240 -11.06 41.90 7.17
CA VAL A 240 -10.34 41.78 8.43
C VAL A 240 -11.06 40.92 9.45
N THR A 241 -12.22 40.36 9.09
CA THR A 241 -13.01 39.55 10.00
C THR A 241 -13.08 38.11 9.50
N HIS A 242 -13.50 37.22 10.40
CA HIS A 242 -13.81 35.84 10.07
C HIS A 242 -15.26 35.77 9.65
N SER A 243 -15.52 35.59 8.36
CA SER A 243 -16.87 35.57 7.83
C SER A 243 -17.23 34.18 7.32
N PHE A 244 -18.49 33.81 7.50
CA PHE A 244 -18.94 32.48 7.13
C PHE A 244 -20.47 32.47 7.06
N ASN A 245 -21.02 31.30 6.74
CA ASN A 245 -22.47 31.10 6.68
C ASN A 245 -22.86 30.22 7.86
N CYS A 246 -23.68 30.76 8.77
CA CYS A 246 -24.10 30.08 9.98
C CYS A 246 -25.63 29.98 9.95
N GLY A 247 -26.13 28.88 9.37
CA GLY A 247 -27.57 28.65 9.33
C GLY A 247 -28.33 29.54 8.39
N GLY A 248 -27.79 29.78 7.18
CA GLY A 248 -28.45 30.58 6.19
C GLY A 248 -28.16 32.06 6.25
N GLU A 249 -27.64 32.55 7.37
CA GLU A 249 -27.26 33.95 7.52
C GLU A 249 -25.74 34.08 7.56
N PHE A 250 -25.23 35.18 7.01
CA PHE A 250 -23.81 35.37 6.86
C PHE A 250 -23.27 36.23 8.01
N PHE A 251 -22.29 35.68 8.72
CA PHE A 251 -21.71 36.27 9.92
C PHE A 251 -20.33 36.82 9.60
N TYR A 252 -20.02 37.98 10.18
CA TYR A 252 -18.69 38.58 10.16
C TYR A 252 -18.28 38.79 11.61
N CYS A 253 -17.23 38.10 12.05
CA CYS A 253 -16.83 38.08 13.45
C CYS A 253 -15.45 38.70 13.61
N ASN A 254 -15.32 39.61 14.57
CA ASN A 254 -14.03 40.21 14.91
C ASN A 254 -13.14 39.17 15.55
N SER A 255 -12.13 38.70 14.81
CA SER A 255 -11.23 37.64 15.27
C SER A 255 -9.95 38.17 15.88
N THR A 256 -9.98 39.37 16.48
CA THR A 256 -8.77 39.96 17.01
C THR A 256 -8.27 39.21 18.24
N GLN A 257 -9.17 38.69 19.07
CA GLN A 257 -8.78 37.99 20.28
C GLN A 257 -7.99 36.71 20.01
N LEU A 258 -7.95 36.25 18.76
CA LEU A 258 -7.22 35.04 18.41
C LEU A 258 -5.80 35.33 17.94
N PHE A 259 -5.55 36.51 17.40
CA PHE A 259 -4.23 36.90 16.88
C PHE A 259 -3.75 38.10 17.68
N ASN A 260 -3.28 37.84 18.89
CA ASN A 260 -2.74 38.87 19.77
C ASN A 260 -1.75 38.21 20.73
N SER A 261 -0.80 37.46 20.19
CA SER A 261 0.06 36.64 21.03
C SER A 261 1.50 36.69 20.53
N THR A 262 2.42 36.33 21.42
CA THR A 262 3.83 36.25 21.12
C THR A 262 4.38 34.96 21.71
N TRP A 263 5.24 34.29 20.96
CA TRP A 263 5.79 33.01 21.41
C TRP A 263 7.31 32.98 21.24
N ASP A 280 -11.97 33.34 30.56
CA ASP A 280 -11.87 31.89 30.61
C ASP A 280 -12.21 31.27 29.25
N THR A 281 -13.26 31.80 28.60
CA THR A 281 -13.70 31.35 27.29
C THR A 281 -13.76 32.54 26.34
N ILE A 282 -13.15 32.42 25.17
CA ILE A 282 -13.09 33.52 24.22
C ILE A 282 -14.45 33.66 23.55
N THR A 283 -15.04 34.85 23.64
CA THR A 283 -16.27 35.18 22.93
C THR A 283 -15.94 36.24 21.89
N LEU A 284 -16.11 35.88 20.61
CA LEU A 284 -15.84 36.76 19.49
C LEU A 284 -17.11 37.53 19.12
N PRO A 285 -17.09 38.86 19.08
CA PRO A 285 -18.28 39.60 18.68
C PRO A 285 -18.51 39.49 17.18
N CYS A 286 -19.79 39.41 16.79
CA CYS A 286 -20.15 39.15 15.41
C CYS A 286 -21.29 40.05 14.98
N ARG A 287 -21.41 40.24 13.67
CA ARG A 287 -22.50 40.97 13.05
C ARG A 287 -23.00 40.18 11.84
N ILE A 288 -24.31 40.13 11.67
CA ILE A 288 -24.91 39.43 10.54
C ILE A 288 -25.14 40.42 9.41
N LYS A 289 -24.49 40.19 8.27
CA LYS A 289 -24.62 41.07 7.13
C LYS A 289 -25.51 40.41 6.08
N GLN A 290 -26.35 41.23 5.44
CA GLN A 290 -27.28 40.76 4.42
C GLN A 290 -26.67 40.97 3.04
N ILE A 291 -26.61 39.90 2.25
CA ILE A 291 -26.06 39.96 0.91
C ILE A 291 -27.11 40.51 -0.04
N ILE A 292 -26.80 41.60 -0.72
CA ILE A 292 -27.69 42.23 -1.68
C ILE A 292 -26.97 42.31 -3.01
N ASN A 293 -27.58 41.74 -4.05
CA ASN A 293 -26.99 41.77 -5.38
C ASN A 293 -27.20 43.15 -6.01
N MET A 294 -26.10 43.75 -6.46
CA MET A 294 -26.11 45.19 -6.72
C MET A 294 -26.99 45.55 -7.91
N TRP A 295 -27.02 44.70 -8.93
CA TRP A 295 -27.51 45.10 -10.25
C TRP A 295 -28.94 44.66 -10.54
N GLN A 296 -29.60 43.96 -9.62
CA GLN A 296 -30.99 43.61 -9.82
C GLN A 296 -31.89 44.68 -9.23
N LYS A 297 -32.95 45.01 -9.96
CA LYS A 297 -33.84 46.07 -9.52
C LYS A 297 -34.69 45.63 -8.33
N VAL A 298 -35.08 46.60 -7.52
CA VAL A 298 -36.02 46.33 -6.44
C VAL A 298 -37.42 46.15 -7.01
N ILE A 311 -30.80 31.40 16.06
CA ILE A 311 -29.80 31.05 15.08
C ILE A 311 -28.51 30.65 15.77
N ARG A 312 -28.02 29.45 15.46
CA ARG A 312 -26.81 28.94 16.07
C ARG A 312 -26.23 27.83 15.21
N CYS A 313 -24.91 27.66 15.30
CA CYS A 313 -24.22 26.61 14.57
C CYS A 313 -22.87 26.35 15.22
N SER A 314 -22.48 25.08 15.27
CA SER A 314 -21.16 24.69 15.75
C SER A 314 -20.33 24.16 14.59
N SER A 315 -19.03 24.45 14.62
CA SER A 315 -18.15 24.05 13.53
C SER A 315 -16.82 23.58 14.08
N ASN A 316 -16.07 22.89 13.24
CA ASN A 316 -14.71 22.45 13.55
C ASN A 316 -13.73 23.34 12.80
N ILE A 317 -12.92 24.09 13.54
CA ILE A 317 -11.77 24.78 12.95
C ILE A 317 -10.70 23.74 12.66
N THR A 318 -10.37 23.57 11.38
CA THR A 318 -9.41 22.58 10.93
C THR A 318 -8.23 23.19 10.22
N GLY A 319 -8.23 24.50 9.98
CA GLY A 319 -7.14 25.11 9.24
C GLY A 319 -7.15 26.62 9.37
N LEU A 320 -6.08 27.22 8.84
CA LEU A 320 -5.87 28.66 8.89
C LEU A 320 -5.22 29.14 7.62
N LEU A 321 -5.35 30.44 7.36
CA LEU A 321 -4.70 31.10 6.24
C LEU A 321 -3.92 32.28 6.78
N LEU A 322 -2.60 32.27 6.59
CA LEU A 322 -1.74 33.28 7.16
C LEU A 322 -0.91 33.97 6.09
N THR A 323 -0.44 35.18 6.43
CA THR A 323 0.45 35.97 5.61
C THR A 323 1.54 36.56 6.49
N ARG A 324 2.78 36.52 6.01
CA ARG A 324 3.92 37.02 6.76
C ARG A 324 4.21 38.46 6.40
N ASP A 325 4.81 39.18 7.35
CA ASP A 325 5.09 40.60 7.18
C ASP A 325 6.12 40.82 6.07
N GLY A 326 6.18 42.05 5.59
CA GLY A 326 7.08 42.42 4.52
C GLY A 326 6.40 43.13 3.37
N ASN A 331 13.20 41.49 10.99
CA ASN A 331 14.13 41.65 12.09
C ASN A 331 14.53 40.29 12.67
N GLU A 332 14.61 40.23 14.00
CA GLU A 332 14.85 38.96 14.69
C GLU A 332 13.58 38.15 14.91
N SER A 333 12.42 38.72 14.58
CA SER A 333 11.13 38.08 14.80
C SER A 333 10.38 37.98 13.47
N GLU A 334 9.21 37.34 13.53
CA GLU A 334 8.34 37.21 12.37
C GLU A 334 6.90 37.43 12.80
N ILE A 335 6.22 38.34 12.11
CA ILE A 335 4.82 38.66 12.38
C ILE A 335 3.95 37.92 11.37
N PHE A 336 2.90 37.27 11.85
CA PHE A 336 1.95 36.54 11.01
C PHE A 336 0.56 37.09 11.24
N ARG A 337 -0.20 37.24 10.14
CA ARG A 337 -1.53 37.84 10.21
C ARG A 337 -2.51 37.03 9.38
N PRO A 338 -3.76 36.90 9.82
CA PRO A 338 -4.76 36.18 9.03
C PRO A 338 -5.01 36.88 7.70
N GLY A 339 -4.84 36.14 6.61
CA GLY A 339 -5.00 36.71 5.29
C GLY A 339 -5.66 35.77 4.29
N GLY A 340 -5.23 35.82 3.04
CA GLY A 340 -5.77 34.96 2.01
C GLY A 340 -6.94 35.58 1.27
N GLY A 341 -8.15 35.25 1.69
CA GLY A 341 -9.34 35.81 1.09
C GLY A 341 -9.80 35.09 -0.17
N ASP A 342 -8.86 34.76 -1.05
CA ASP A 342 -9.18 34.03 -2.27
C ASP A 342 -9.61 32.61 -1.93
N MET A 343 -10.80 32.22 -2.40
CA MET A 343 -11.37 30.93 -2.05
C MET A 343 -10.67 29.78 -2.76
N ARG A 344 -9.90 30.06 -3.81
CA ARG A 344 -9.11 28.99 -4.44
C ARG A 344 -8.15 28.38 -3.45
N ASP A 345 -7.70 29.15 -2.46
CA ASP A 345 -6.87 28.59 -1.41
C ASP A 345 -7.71 27.78 -0.42
N ASN A 346 -8.98 28.15 -0.22
CA ASN A 346 -9.86 27.33 0.60
C ASN A 346 -10.03 25.94 -0.02
N TRP A 347 -10.34 25.88 -1.31
CA TRP A 347 -10.48 24.59 -1.96
C TRP A 347 -9.14 23.86 -2.09
N ARG A 348 -8.06 24.61 -2.31
CA ARG A 348 -6.74 24.02 -2.43
C ARG A 348 -6.29 23.39 -1.13
N SER A 349 -6.78 23.89 0.00
CA SER A 349 -6.49 23.29 1.30
C SER A 349 -7.02 21.86 1.43
N GLU A 350 -7.90 21.44 0.53
CA GLU A 350 -8.45 20.08 0.55
C GLU A 350 -8.06 19.24 -0.66
N LEU A 351 -7.77 19.87 -1.80
CA LEU A 351 -7.39 19.17 -3.01
C LEU A 351 -5.89 19.08 -3.20
N TYR A 352 -5.11 19.29 -2.13
CA TYR A 352 -3.66 19.35 -2.26
C TYR A 352 -3.08 17.98 -2.61
N LYS A 353 -3.64 16.91 -2.06
CA LYS A 353 -3.09 15.58 -2.20
C LYS A 353 -3.66 14.81 -3.38
N TYR A 354 -4.14 15.50 -4.41
CA TYR A 354 -4.70 14.86 -5.59
C TYR A 354 -4.09 15.45 -6.85
N LYS A 355 -4.20 14.70 -7.94
CA LYS A 355 -3.83 15.20 -9.26
C LYS A 355 -4.50 14.34 -10.31
N VAL A 356 -4.62 14.88 -11.52
CA VAL A 356 -5.31 14.23 -12.63
C VAL A 356 -4.29 13.84 -13.68
N VAL A 357 -4.32 12.60 -14.13
CA VAL A 357 -3.38 12.14 -15.15
C VAL A 357 -4.16 11.42 -16.26
N LYS A 358 -3.62 11.52 -17.47
CA LYS A 358 -4.16 10.86 -18.65
C LYS A 358 -3.43 9.55 -18.88
N ILE A 359 -4.19 8.47 -19.06
CA ILE A 359 -3.59 7.16 -19.32
C ILE A 359 -3.43 6.94 -20.83
N ALA B 1 0.64 -40.79 -12.88
CA ALA B 1 1.44 -41.29 -13.99
C ALA B 1 1.90 -42.72 -13.72
N VAL B 2 1.97 -43.09 -12.46
CA VAL B 2 2.33 -44.44 -12.06
C VAL B 2 1.28 -44.97 -11.09
N GLN B 3 1.23 -46.30 -10.99
CA GLN B 3 0.33 -46.97 -10.06
C GLN B 3 1.08 -48.14 -9.41
N LEU B 4 1.00 -48.21 -8.08
CA LEU B 4 1.61 -49.26 -7.30
C LEU B 4 0.52 -50.11 -6.67
N VAL B 5 0.63 -51.43 -6.81
CA VAL B 5 -0.36 -52.37 -6.29
C VAL B 5 0.34 -53.30 -5.31
N ASP B 6 -0.12 -53.30 -4.06
CA ASP B 6 0.44 -54.15 -3.02
C ASP B 6 -0.44 -55.37 -2.80
N SER B 7 0.20 -56.52 -2.60
CA SER B 7 -0.52 -57.75 -2.28
C SER B 7 0.41 -58.68 -1.53
N GLY B 8 -0.15 -59.78 -1.04
CA GLY B 8 0.61 -60.80 -0.33
C GLY B 8 0.35 -60.85 1.16
N GLY B 9 -0.19 -59.78 1.75
CA GLY B 9 -0.45 -59.78 3.17
C GLY B 9 -1.52 -60.79 3.56
N GLY B 10 -1.52 -61.10 4.85
CA GLY B 10 -2.47 -62.06 5.37
C GLY B 10 -2.08 -62.49 6.78
N LEU B 11 -2.78 -63.51 7.26
CA LEU B 11 -2.55 -64.05 8.59
C LEU B 11 -1.54 -65.19 8.53
N VAL B 12 -0.50 -65.11 9.36
CA VAL B 12 0.49 -66.17 9.51
C VAL B 12 0.72 -66.39 11.00
N GLN B 13 1.54 -67.39 11.32
CA GLN B 13 1.92 -67.67 12.68
C GLN B 13 3.35 -67.18 12.94
N ALA B 14 3.65 -66.93 14.20
CA ALA B 14 4.98 -66.45 14.58
C ALA B 14 6.04 -67.45 14.13
N GLY B 15 7.09 -66.92 13.49
CA GLY B 15 8.10 -67.76 12.89
C GLY B 15 7.82 -68.17 11.46
N GLY B 16 6.68 -67.76 10.91
CA GLY B 16 6.34 -68.07 9.54
C GLY B 16 6.98 -67.09 8.56
N SER B 17 6.58 -67.23 7.30
CA SER B 17 7.14 -66.42 6.22
C SER B 17 6.03 -65.89 5.34
N LEU B 18 6.25 -64.69 4.81
CA LEU B 18 5.36 -64.05 3.86
C LEU B 18 6.18 -63.45 2.72
N ARG B 19 5.51 -63.11 1.63
CA ARG B 19 6.17 -62.45 0.51
C ARG B 19 5.21 -61.41 -0.06
N LEU B 20 5.41 -60.15 0.31
CA LEU B 20 4.63 -59.08 -0.28
C LEU B 20 5.16 -58.74 -1.66
N SER B 21 4.24 -58.39 -2.55
CA SER B 21 4.58 -57.96 -3.90
C SER B 21 4.01 -56.57 -4.13
N CYS B 22 4.79 -55.74 -4.82
CA CYS B 22 4.35 -54.42 -5.24
C CYS B 22 4.59 -54.31 -6.74
N VAL B 23 3.50 -54.37 -7.50
CA VAL B 23 3.58 -54.29 -8.96
C VAL B 23 3.42 -52.83 -9.37
N VAL B 24 4.31 -52.35 -10.23
CA VAL B 24 4.33 -50.98 -10.68
C VAL B 24 3.88 -50.93 -12.14
N SER B 25 3.08 -49.93 -12.49
CA SER B 25 2.56 -49.80 -13.84
C SER B 25 2.48 -48.33 -14.22
N GLY B 26 2.52 -48.07 -15.52
CA GLY B 26 2.47 -46.71 -16.03
C GLY B 26 3.81 -46.19 -16.49
N SER B 27 4.06 -44.90 -16.28
CA SER B 27 5.34 -44.29 -16.64
C SER B 27 6.34 -44.55 -15.52
N ILE B 28 6.67 -45.83 -15.35
CA ILE B 28 7.52 -46.27 -14.25
C ILE B 28 9.01 -46.07 -14.52
N PHE B 29 9.38 -45.54 -15.68
CA PHE B 29 10.77 -45.45 -16.07
C PHE B 29 11.49 -44.23 -15.50
N SER B 30 10.92 -43.61 -14.46
CA SER B 30 11.57 -42.53 -13.73
C SER B 30 11.80 -42.88 -12.26
N ILE B 31 11.44 -44.10 -11.84
CA ILE B 31 11.63 -44.51 -10.46
C ILE B 31 13.11 -44.81 -10.22
N ASN B 32 13.70 -44.13 -9.25
CA ASN B 32 15.07 -44.40 -8.87
C ASN B 32 15.20 -45.09 -7.52
N ALA B 33 14.09 -45.24 -6.77
CA ALA B 33 14.14 -45.91 -5.47
C ALA B 33 12.75 -46.31 -5.00
N MET B 34 12.59 -47.56 -4.58
CA MET B 34 11.33 -48.03 -4.03
C MET B 34 11.54 -48.46 -2.58
N GLY B 35 10.44 -48.64 -1.86
CA GLY B 35 10.53 -48.95 -0.46
C GLY B 35 9.23 -49.50 0.08
N TRP B 36 9.31 -49.95 1.33
CA TRP B 36 8.17 -50.50 2.06
C TRP B 36 8.09 -49.80 3.39
N TYR B 37 6.94 -49.18 3.67
CA TYR B 37 6.56 -48.62 4.95
C TYR B 37 5.55 -49.54 5.62
N ARG B 38 5.41 -49.39 6.93
CA ARG B 38 4.37 -50.11 7.66
C ARG B 38 3.76 -49.18 8.71
N GLN B 39 2.46 -49.31 8.92
CA GLN B 39 1.73 -48.52 9.89
C GLN B 39 0.71 -49.39 10.59
N ALA B 40 0.66 -49.31 11.91
CA ALA B 40 -0.33 -50.07 12.65
C ALA B 40 -1.36 -49.13 13.26
N PRO B 41 -2.62 -49.56 13.40
CA PRO B 41 -3.68 -48.65 13.87
C PRO B 41 -3.34 -47.96 15.19
N GLY B 42 -3.22 -46.64 15.14
CA GLY B 42 -2.89 -45.85 16.31
C GLY B 42 -1.43 -45.54 16.49
N LYS B 43 -0.57 -45.91 15.55
CA LYS B 43 0.87 -45.69 15.65
C LYS B 43 1.36 -44.97 14.40
N GLN B 44 2.55 -44.39 14.51
CA GLN B 44 3.16 -43.70 13.38
C GLN B 44 3.73 -44.69 12.38
N ARG B 45 3.83 -44.24 11.13
CA ARG B 45 4.37 -45.09 10.08
C ARG B 45 5.89 -45.18 10.19
N ASP B 46 6.44 -46.26 9.62
CA ASP B 46 7.87 -46.53 9.70
C ASP B 46 8.34 -47.13 8.39
N LEU B 47 9.33 -46.50 7.76
CA LEU B 47 9.95 -47.07 6.58
C LEU B 47 10.64 -48.37 6.95
N VAL B 48 10.16 -49.48 6.40
CA VAL B 48 10.70 -50.79 6.71
C VAL B 48 11.93 -51.11 5.86
N ALA B 49 11.82 -50.91 4.56
CA ALA B 49 12.93 -51.27 3.68
C ALA B 49 13.00 -50.33 2.49
N ARG B 50 14.18 -50.25 1.89
CA ARG B 50 14.38 -49.45 0.69
C ARG B 50 15.38 -50.15 -0.24
N ILE B 51 15.09 -50.11 -1.54
CA ILE B 51 16.02 -50.54 -2.57
C ILE B 51 16.13 -49.43 -3.61
N SER B 52 17.36 -49.05 -3.94
CA SER B 52 17.64 -48.04 -4.94
C SER B 52 17.96 -48.68 -6.29
N GLY B 53 18.05 -47.84 -7.31
CA GLY B 53 18.36 -48.35 -8.64
C GLY B 53 19.75 -48.95 -8.74
N ASP B 54 20.66 -48.54 -7.86
CA ASP B 54 22.02 -49.07 -7.85
C ASP B 54 22.16 -50.32 -6.99
N SER B 55 21.05 -50.95 -6.62
CA SER B 55 20.96 -52.21 -5.86
C SER B 55 21.29 -52.05 -4.39
N SER B 56 21.54 -50.83 -3.89
CA SER B 56 21.74 -50.65 -2.46
C SER B 56 20.42 -50.73 -1.73
N THR B 57 20.47 -51.20 -0.49
CA THR B 57 19.27 -51.41 0.31
C THR B 57 19.45 -50.86 1.72
N TYR B 58 18.33 -50.60 2.36
CA TYR B 58 18.26 -50.24 3.77
C TYR B 58 17.16 -51.04 4.44
N TYR B 59 17.43 -51.47 5.67
CA TYR B 59 16.46 -52.14 6.52
C TYR B 59 16.53 -51.55 7.92
N ILE B 60 15.36 -51.38 8.55
CA ILE B 60 15.37 -50.99 9.96
C ILE B 60 16.00 -52.12 10.77
N ASP B 61 16.66 -51.75 11.87
CA ASP B 61 17.36 -52.73 12.67
C ASP B 61 16.44 -53.80 13.24
N SER B 62 15.14 -53.51 13.35
CA SER B 62 14.20 -54.48 13.86
C SER B 62 13.99 -55.64 12.88
N VAL B 63 14.21 -55.40 11.59
CA VAL B 63 13.99 -56.42 10.57
C VAL B 63 15.28 -56.88 9.91
N LYS B 64 16.41 -56.26 10.22
CA LYS B 64 17.68 -56.64 9.60
C LYS B 64 18.00 -58.10 9.92
N GLY B 65 18.07 -58.93 8.89
CA GLY B 65 18.30 -60.36 9.01
C GLY B 65 17.07 -61.19 8.73
N ARG B 66 15.88 -60.64 8.95
CA ARG B 66 14.64 -61.37 8.70
C ARG B 66 13.94 -60.95 7.41
N PHE B 67 14.15 -59.72 6.96
CA PHE B 67 13.48 -59.20 5.78
C PHE B 67 14.45 -59.08 4.62
N THR B 68 13.94 -59.26 3.41
CA THR B 68 14.76 -59.15 2.20
C THR B 68 13.93 -58.50 1.10
N ILE B 69 14.40 -57.37 0.58
CA ILE B 69 13.74 -56.68 -0.52
C ILE B 69 14.48 -56.98 -1.80
N SER B 70 13.72 -57.21 -2.88
CA SER B 70 14.32 -57.59 -4.15
C SER B 70 13.41 -57.15 -5.29
N ARG B 71 13.92 -57.27 -6.51
CA ARG B 71 13.25 -56.76 -7.70
C ARG B 71 13.16 -57.85 -8.76
N ASP B 72 11.99 -57.96 -9.39
CA ASP B 72 11.77 -58.86 -10.52
C ASP B 72 11.59 -57.98 -11.75
N ASN B 73 12.70 -57.73 -12.46
CA ASN B 73 12.69 -56.81 -13.60
C ASN B 73 11.74 -57.30 -14.68
N ALA B 74 11.67 -58.62 -14.90
CA ALA B 74 10.83 -59.16 -15.96
C ALA B 74 9.35 -59.00 -15.65
N ALA B 75 8.98 -58.71 -14.41
CA ALA B 75 7.59 -58.62 -14.02
C ALA B 75 7.21 -57.25 -13.45
N ASN B 76 8.13 -56.28 -13.44
CA ASN B 76 7.86 -54.93 -12.95
C ASN B 76 7.33 -54.93 -11.52
N THR B 77 7.81 -55.87 -10.70
CA THR B 77 7.35 -55.97 -9.31
C THR B 77 8.55 -55.98 -8.37
N VAL B 78 8.29 -55.56 -7.14
CA VAL B 78 9.28 -55.57 -6.06
C VAL B 78 8.74 -56.45 -4.95
N TYR B 79 9.55 -57.42 -4.53
CA TYR B 79 9.16 -58.36 -3.48
C TYR B 79 9.79 -57.98 -2.16
N LEU B 80 9.04 -58.18 -1.08
CA LEU B 80 9.54 -58.08 0.29
C LEU B 80 9.27 -59.44 0.95
N GLN B 81 10.31 -60.24 1.11
CA GLN B 81 10.23 -61.53 1.77
C GLN B 81 10.44 -61.32 3.27
N MET B 82 9.46 -61.73 4.06
CA MET B 82 9.49 -61.59 5.51
C MET B 82 9.63 -62.97 6.13
N ASN B 83 10.70 -63.16 6.91
CA ASN B 83 10.96 -64.41 7.58
C ASN B 83 11.04 -64.18 9.08
N SER B 84 10.95 -65.27 9.84
CA SER B 84 10.95 -65.22 11.31
C SER B 84 9.98 -64.16 11.81
N LEU B 85 8.74 -64.23 11.29
CA LEU B 85 7.76 -63.20 11.60
C LEU B 85 7.38 -63.24 13.08
N LYS B 86 7.25 -62.05 13.66
CA LYS B 86 6.95 -61.88 15.07
C LYS B 86 5.72 -61.00 15.24
N PRO B 87 4.99 -61.15 16.35
CA PRO B 87 3.75 -60.38 16.54
C PRO B 87 3.93 -58.87 16.41
N GLU B 88 5.16 -58.39 16.55
CA GLU B 88 5.45 -56.97 16.38
C GLU B 88 5.53 -56.57 14.91
N ASP B 89 5.26 -57.49 13.98
CA ASP B 89 5.25 -57.19 12.55
C ASP B 89 3.85 -56.94 12.03
N THR B 90 2.83 -57.04 12.87
CA THR B 90 1.45 -56.86 12.43
C THR B 90 1.18 -55.40 12.13
N ALA B 91 0.86 -55.09 10.87
CA ALA B 91 0.58 -53.73 10.43
C ALA B 91 0.10 -53.77 8.99
N VAL B 92 -0.28 -52.61 8.48
CA VAL B 92 -0.56 -52.44 7.05
C VAL B 92 0.72 -51.95 6.39
N TYR B 93 1.19 -52.70 5.41
CA TYR B 93 2.41 -52.37 4.67
C TYR B 93 2.05 -51.71 3.36
N TYR B 94 2.74 -50.62 3.05
CA TYR B 94 2.58 -49.90 1.78
C TYR B 94 3.90 -49.93 1.02
N CYS B 95 3.82 -50.17 -0.27
CA CYS B 95 4.98 -49.98 -1.13
C CYS B 95 4.95 -48.55 -1.68
N ALA B 96 6.14 -47.99 -1.88
CA ALA B 96 6.29 -46.61 -2.30
C ALA B 96 7.42 -46.52 -3.32
N ALA B 97 7.36 -45.47 -4.14
CA ALA B 97 8.37 -45.24 -5.16
C ALA B 97 8.65 -43.74 -5.24
N ARG B 98 9.89 -43.41 -5.60
CA ARG B 98 10.33 -42.03 -5.73
C ARG B 98 10.62 -41.73 -7.19
N ARG B 99 10.06 -40.63 -7.68
CA ARG B 99 10.30 -40.18 -9.05
C ARG B 99 11.05 -38.86 -9.12
N LEU B 100 11.43 -38.29 -8.00
CA LEU B 100 12.36 -37.17 -7.92
C LEU B 100 13.74 -37.68 -7.53
N PRO B 101 14.81 -36.99 -7.93
CA PRO B 101 16.16 -37.55 -7.69
C PRO B 101 16.49 -37.72 -6.21
N ILE B 102 15.91 -36.93 -5.32
CA ILE B 102 16.17 -37.02 -3.89
C ILE B 102 14.86 -36.78 -3.14
N GLY B 103 14.91 -36.94 -1.82
CA GLY B 103 13.78 -36.64 -0.98
C GLY B 103 12.91 -37.84 -0.69
N ASP B 104 11.76 -37.55 -0.08
CA ASP B 104 10.78 -38.57 0.24
C ASP B 104 10.17 -39.15 -1.04
N TYR B 105 9.50 -40.28 -0.89
CA TYR B 105 8.85 -40.91 -2.02
C TYR B 105 7.70 -40.04 -2.53
N THR B 106 7.21 -40.39 -3.72
CA THR B 106 6.15 -39.62 -4.36
C THR B 106 4.88 -40.42 -4.66
N ASP B 107 4.95 -41.75 -4.64
CA ASP B 107 3.81 -42.57 -5.01
C ASP B 107 3.64 -43.70 -3.99
N TRP B 108 2.40 -44.06 -3.71
CA TRP B 108 2.07 -45.01 -2.65
C TRP B 108 0.99 -45.97 -3.11
N GLY B 109 1.00 -47.17 -2.52
CA GLY B 109 -0.01 -48.16 -2.76
C GLY B 109 -1.17 -48.03 -1.79
N GLN B 110 -2.19 -48.86 -2.01
CA GLN B 110 -3.38 -48.86 -1.18
C GLN B 110 -3.18 -49.56 0.17
N GLY B 111 -2.07 -50.25 0.35
CA GLY B 111 -1.81 -50.94 1.60
C GLY B 111 -2.26 -52.39 1.57
N THR B 112 -1.56 -53.22 2.33
CA THR B 112 -1.92 -54.62 2.50
C THR B 112 -1.74 -55.01 3.97
N GLN B 113 -2.68 -55.78 4.49
CA GLN B 113 -2.70 -56.10 5.92
C GLN B 113 -1.89 -57.36 6.19
N VAL B 114 -0.86 -57.23 7.02
CA VAL B 114 -0.07 -58.35 7.50
C VAL B 114 -0.37 -58.53 8.98
N THR B 115 -0.82 -59.74 9.34
CA THR B 115 -1.15 -60.07 10.72
C THR B 115 -0.48 -61.39 11.07
N VAL B 116 0.00 -61.50 12.30
CA VAL B 116 0.68 -62.71 12.76
C VAL B 116 0.31 -62.97 14.22
N SER B 117 -0.11 -64.19 14.49
CA SER B 117 -0.48 -64.61 15.84
C SER B 117 0.73 -65.22 16.54
N SER B 118 0.63 -65.31 17.87
CA SER B 118 1.73 -65.84 18.67
C SER B 118 1.24 -66.96 19.59
N TRP C 2 -15.59 -13.18 -5.48
CA TRP C 2 -14.29 -13.27 -4.81
C TRP C 2 -14.34 -14.34 -3.71
N LYS C 3 -13.67 -15.46 -3.96
CA LYS C 3 -13.51 -16.52 -2.98
C LYS C 3 -12.30 -17.35 -3.37
N GLU C 4 -11.86 -18.20 -2.44
CA GLU C 4 -10.71 -19.05 -2.68
C GLU C 4 -11.10 -20.23 -3.57
N ALA C 5 -10.30 -20.47 -4.61
CA ALA C 5 -10.58 -21.53 -5.57
C ALA C 5 -9.27 -22.21 -5.96
N THR C 6 -9.38 -23.18 -6.87
CA THR C 6 -8.25 -23.96 -7.34
C THR C 6 -8.31 -24.06 -8.85
N THR C 7 -7.17 -23.82 -9.51
CA THR C 7 -7.10 -23.92 -10.96
C THR C 7 -5.66 -24.16 -11.36
N THR C 8 -5.44 -24.36 -12.65
CA THR C 8 -4.11 -24.59 -13.20
C THR C 8 -3.49 -23.25 -13.58
N LEU C 9 -2.64 -22.72 -12.71
CA LEU C 9 -1.86 -21.55 -13.05
C LEU C 9 -0.90 -21.87 -14.19
N PHE C 10 -0.61 -20.87 -15.01
CA PHE C 10 0.42 -21.05 -16.02
C PHE C 10 1.74 -20.50 -15.47
N CYS C 11 2.79 -20.53 -16.29
CA CYS C 11 4.11 -20.19 -15.80
C CYS C 11 4.79 -19.20 -16.73
N ALA C 12 5.86 -18.61 -16.22
CA ALA C 12 6.64 -17.62 -16.95
C ALA C 12 8.08 -17.67 -16.45
N SER C 13 9.01 -17.30 -17.33
CA SER C 13 10.44 -17.32 -17.00
C SER C 13 11.23 -16.42 -17.93
N ALA C 30 7.22 -23.81 -23.28
CA ALA C 30 6.61 -24.23 -22.02
C ALA C 30 5.95 -23.05 -21.32
N CYS C 31 6.77 -22.18 -20.75
CA CYS C 31 6.28 -21.00 -20.04
C CYS C 31 6.29 -19.78 -20.95
N VAL C 32 5.44 -18.81 -20.61
CA VAL C 32 5.26 -17.60 -21.39
C VAL C 32 6.43 -16.66 -21.12
N PRO C 33 6.82 -15.81 -22.08
CA PRO C 33 7.84 -14.79 -21.77
C PRO C 33 7.39 -13.88 -20.64
N THR C 34 8.30 -13.63 -19.71
CA THR C 34 8.00 -12.85 -18.51
C THR C 34 8.38 -11.40 -18.74
N ASP C 35 7.41 -10.58 -19.11
CA ASP C 35 7.57 -9.16 -18.88
C ASP C 35 6.28 -8.37 -19.02
N PRO C 36 5.31 -8.55 -18.15
CA PRO C 36 4.45 -7.42 -17.80
C PRO C 36 5.33 -6.44 -17.07
N ASN C 37 5.21 -5.16 -17.40
CA ASN C 37 5.88 -4.17 -16.57
C ASN C 37 5.31 -4.35 -15.18
N PRO C 38 6.02 -5.06 -14.29
CA PRO C 38 5.34 -5.68 -13.15
C PRO C 38 4.70 -4.62 -12.28
N GLN C 39 3.38 -4.71 -12.12
CA GLN C 39 2.63 -3.77 -11.31
C GLN C 39 1.93 -4.54 -10.20
N GLU C 40 2.41 -4.35 -8.98
CA GLU C 40 1.70 -4.76 -7.79
C GLU C 40 0.83 -3.61 -7.32
N VAL C 41 -0.33 -3.94 -6.76
CA VAL C 41 -1.26 -2.93 -6.27
C VAL C 41 -1.78 -3.38 -4.91
N VAL C 42 -1.48 -2.59 -3.87
CA VAL C 42 -1.92 -2.92 -2.52
C VAL C 42 -3.41 -2.66 -2.40
N LEU C 43 -4.15 -3.64 -1.90
CA LEU C 43 -5.58 -3.50 -1.70
C LEU C 43 -5.82 -2.76 -0.38
N VAL C 44 -6.20 -1.48 -0.48
CA VAL C 44 -6.34 -0.64 0.68
C VAL C 44 -7.51 -1.10 1.54
N ASN C 45 -7.32 -1.09 2.86
CA ASN C 45 -8.34 -1.47 3.84
C ASN C 45 -8.75 -2.93 3.72
N VAL C 46 -7.90 -3.77 3.13
CA VAL C 46 -8.22 -5.16 2.85
C VAL C 46 -7.35 -6.05 3.74
N THR C 47 -7.97 -7.02 4.38
CA THR C 47 -7.29 -8.01 5.22
C THR C 47 -7.80 -9.38 4.80
N GLU C 48 -6.89 -10.28 4.42
CA GLU C 48 -7.28 -11.55 3.82
C GLU C 48 -6.69 -12.72 4.59
N ASN C 49 -7.47 -13.79 4.74
CA ASN C 49 -7.01 -14.98 5.44
C ASN C 49 -6.21 -15.87 4.49
N PHE C 50 -4.98 -16.19 4.89
CA PHE C 50 -4.11 -17.12 4.17
C PHE C 50 -3.93 -18.39 4.98
N ASN C 51 -3.59 -19.47 4.27
CA ASN C 51 -3.34 -20.76 4.92
C ASN C 51 -2.35 -21.53 4.03
N MET C 52 -1.06 -21.37 4.35
CA MET C 52 -0.01 -22.02 3.58
C MET C 52 -0.14 -23.53 3.56
N TRP C 53 -0.80 -24.11 4.57
CA TRP C 53 -0.89 -25.56 4.70
C TRP C 53 -2.02 -26.16 3.88
N LYS C 54 -2.86 -25.33 3.25
CA LYS C 54 -3.91 -25.81 2.37
C LYS C 54 -3.90 -24.95 1.10
N ASN C 55 -2.78 -24.99 0.38
CA ASN C 55 -2.59 -24.21 -0.83
C ASN C 55 -2.33 -25.17 -1.99
N ASP C 56 -3.23 -25.18 -2.97
CA ASP C 56 -3.06 -26.06 -4.12
C ASP C 56 -1.96 -25.61 -5.07
N MET C 57 -1.43 -24.40 -4.89
CA MET C 57 -0.25 -24.00 -5.66
C MET C 57 0.95 -24.87 -5.32
N VAL C 58 1.10 -25.22 -4.04
CA VAL C 58 2.17 -26.13 -3.63
C VAL C 58 2.01 -27.48 -4.32
N GLU C 59 0.77 -27.98 -4.40
CA GLU C 59 0.53 -29.24 -5.08
C GLU C 59 0.86 -29.14 -6.56
N GLN C 60 0.40 -28.07 -7.22
CA GLN C 60 0.66 -27.90 -8.64
C GLN C 60 2.15 -27.81 -8.92
N MET C 61 2.90 -27.12 -8.06
CA MET C 61 4.35 -27.06 -8.25
C MET C 61 5.01 -28.41 -7.97
N HIS C 62 4.47 -29.17 -7.02
CA HIS C 62 4.99 -30.51 -6.77
C HIS C 62 4.69 -31.47 -7.91
N GLU C 63 3.70 -31.17 -8.74
CA GLU C 63 3.54 -31.95 -9.97
C GLU C 63 4.46 -31.43 -11.07
N ASP C 64 4.63 -30.11 -11.16
CA ASP C 64 5.41 -29.53 -12.25
C ASP C 64 6.89 -29.88 -12.14
N ILE C 65 7.44 -29.92 -10.92
CA ILE C 65 8.87 -30.23 -10.80
C ILE C 65 9.12 -31.72 -11.06
N ILE C 66 8.17 -32.59 -10.67
CA ILE C 66 8.27 -34.00 -11.02
C ILE C 66 8.26 -34.16 -12.54
N SER C 67 7.37 -33.42 -13.22
CA SER C 67 7.38 -33.43 -14.68
C SER C 67 8.70 -32.91 -15.23
N LEU C 68 9.28 -31.90 -14.57
CA LEU C 68 10.57 -31.38 -14.99
C LEU C 68 11.64 -32.45 -14.96
N TRP C 69 11.73 -33.18 -13.84
CA TRP C 69 12.73 -34.24 -13.72
C TRP C 69 12.47 -35.36 -14.71
N ASP C 70 11.21 -35.78 -14.86
CA ASP C 70 10.90 -36.86 -15.79
C ASP C 70 11.21 -36.46 -17.23
N GLN C 71 11.01 -35.18 -17.57
CA GLN C 71 11.29 -34.71 -18.92
C GLN C 71 12.79 -34.53 -19.15
N SER C 72 13.55 -34.18 -18.11
CA SER C 72 15.00 -34.11 -18.26
C SER C 72 15.62 -35.48 -18.51
N LEU C 73 14.93 -36.56 -18.14
CA LEU C 73 15.42 -37.92 -18.35
C LEU C 73 15.10 -38.46 -19.74
N LYS C 74 14.21 -37.81 -20.48
CA LYS C 74 13.82 -38.32 -21.80
C LYS C 74 14.98 -38.39 -22.81
N PRO C 75 15.91 -37.44 -22.88
CA PRO C 75 17.05 -37.61 -23.80
C PRO C 75 18.05 -38.66 -23.36
N CYS C 76 17.81 -39.35 -22.24
CA CYS C 76 18.70 -40.38 -21.74
C CYS C 76 18.12 -41.78 -21.90
N VAL C 77 17.05 -41.92 -22.69
CA VAL C 77 16.36 -43.18 -22.87
C VAL C 77 16.13 -43.43 -24.36
N LYS C 78 16.31 -44.67 -24.78
CA LYS C 78 16.03 -45.10 -26.15
C LYS C 78 15.12 -46.31 -26.13
N LEU C 79 14.16 -46.32 -27.04
CA LEU C 79 13.19 -47.41 -27.16
C LEU C 79 13.67 -48.32 -28.29
N THR C 80 14.03 -49.57 -27.96
CA THR C 80 14.66 -50.45 -28.94
C THR C 80 13.85 -51.68 -29.31
N GLY C 81 12.82 -52.04 -28.54
CA GLY C 81 12.06 -53.24 -28.83
C GLY C 81 12.31 -54.35 -27.84
N GLY C 82 9.49 -52.72 -27.09
CA GLY C 82 8.95 -53.27 -25.87
C GLY C 82 9.81 -53.04 -24.65
N SER C 83 10.84 -52.20 -24.80
CA SER C 83 11.77 -51.94 -23.71
C SER C 83 12.35 -50.54 -23.85
N VAL C 84 12.72 -49.95 -22.71
CA VAL C 84 13.43 -48.69 -22.67
C VAL C 84 14.82 -48.96 -22.09
N ILE C 85 15.83 -48.32 -22.68
CA ILE C 85 17.23 -48.55 -22.33
C ILE C 85 17.93 -47.22 -22.10
N THR C 86 18.87 -47.22 -21.16
CA THR C 86 19.59 -46.01 -20.80
C THR C 86 20.64 -45.68 -21.85
N GLN C 87 20.53 -44.50 -22.45
CA GLN C 87 21.55 -43.99 -23.35
C GLN C 87 22.62 -43.23 -22.55
N ALA C 88 23.56 -42.59 -23.24
CA ALA C 88 24.62 -41.85 -22.57
C ALA C 88 24.08 -40.53 -22.04
N CYS C 89 23.73 -39.64 -22.97
CA CYS C 89 23.09 -38.35 -22.71
C CYS C 89 23.96 -37.40 -21.90
N PRO C 90 23.72 -36.09 -21.99
CA PRO C 90 24.62 -35.12 -21.37
C PRO C 90 24.58 -34.99 -19.84
N LYS C 91 23.43 -34.53 -19.34
CA LYS C 91 23.26 -34.20 -17.93
C LYS C 91 24.33 -33.20 -17.47
N VAL C 92 24.36 -32.06 -18.16
CA VAL C 92 25.33 -31.02 -17.86
C VAL C 92 25.17 -30.52 -16.42
N SER C 93 23.92 -30.37 -15.98
CA SER C 93 23.57 -29.98 -14.62
C SER C 93 22.05 -29.83 -14.56
N PHE C 94 21.55 -29.68 -13.35
CA PHE C 94 20.12 -29.51 -13.09
C PHE C 94 19.87 -28.22 -12.31
N GLU C 95 20.65 -27.19 -12.65
CA GLU C 95 20.55 -25.91 -11.96
C GLU C 95 19.17 -25.29 -12.20
N PRO C 96 18.54 -24.76 -11.16
CA PRO C 96 17.16 -24.26 -11.31
C PRO C 96 17.12 -22.88 -11.95
N ILE C 97 16.09 -22.68 -12.78
CA ILE C 97 15.79 -21.39 -13.39
C ILE C 97 14.53 -20.86 -12.72
N PRO C 98 14.51 -19.61 -12.26
CA PRO C 98 13.33 -19.08 -11.56
C PRO C 98 12.08 -19.16 -12.43
N ILE C 99 11.00 -19.67 -11.82
CA ILE C 99 9.73 -19.87 -12.50
C ILE C 99 8.65 -19.10 -11.75
N HIS C 100 7.97 -18.20 -12.45
CA HIS C 100 6.84 -17.48 -11.90
C HIS C 100 5.55 -18.21 -12.23
N TYR C 101 4.66 -18.30 -11.25
CA TYR C 101 3.33 -18.85 -11.43
C TYR C 101 2.34 -17.71 -11.60
N CYS C 102 1.45 -17.84 -12.60
CA CYS C 102 0.57 -16.75 -13.01
C CYS C 102 -0.86 -17.24 -13.07
N ALA C 103 -1.77 -16.37 -12.61
CA ALA C 103 -3.20 -16.68 -12.57
C ALA C 103 -3.82 -16.47 -13.94
N PRO C 104 -4.65 -17.39 -14.41
CA PRO C 104 -5.30 -17.25 -15.72
C PRO C 104 -6.45 -16.25 -15.64
N ALA C 105 -7.08 -16.03 -16.79
CA ALA C 105 -8.20 -15.10 -16.86
C ALA C 105 -9.35 -15.58 -15.99
N GLY C 106 -9.83 -14.70 -15.12
CA GLY C 106 -10.89 -15.00 -14.19
C GLY C 106 -10.44 -15.14 -12.76
N PHE C 107 -9.14 -15.27 -12.51
CA PHE C 107 -8.58 -15.46 -11.19
C PHE C 107 -7.56 -14.35 -10.89
N ALA C 108 -7.03 -14.38 -9.68
CA ALA C 108 -6.01 -13.42 -9.26
C ALA C 108 -5.21 -14.04 -8.13
N ILE C 109 -3.98 -13.56 -7.93
CA ILE C 109 -3.14 -14.04 -6.85
C ILE C 109 -3.04 -12.94 -5.82
N LEU C 110 -3.42 -13.24 -4.58
CA LEU C 110 -3.18 -12.33 -3.48
C LEU C 110 -1.86 -12.68 -2.83
N LYS C 111 -1.12 -11.64 -2.43
CA LYS C 111 0.18 -11.78 -1.79
C LYS C 111 0.15 -11.02 -0.48
N CYS C 112 0.53 -11.71 0.59
CA CYS C 112 0.62 -11.08 1.90
C CYS C 112 1.97 -10.38 2.03
N ASN C 113 1.93 -9.09 2.35
CA ASN C 113 3.14 -8.29 2.48
C ASN C 113 3.63 -8.18 3.92
N ASN C 114 2.98 -8.86 4.85
CA ASN C 114 3.48 -8.90 6.23
C ASN C 114 4.81 -9.65 6.26
N LYS C 115 5.86 -8.96 6.70
CA LYS C 115 7.19 -9.55 6.71
C LYS C 115 7.36 -10.56 7.84
N THR C 116 6.48 -10.56 8.83
CA THR C 116 6.53 -11.54 9.90
C THR C 116 5.24 -12.36 9.92
N PHE C 117 4.80 -12.82 8.75
CA PHE C 117 3.56 -13.57 8.62
C PHE C 117 3.86 -15.07 8.72
N ASN C 118 3.14 -15.74 9.62
CA ASN C 118 3.36 -17.16 9.85
C ASN C 118 2.65 -18.05 8.82
N GLY C 119 2.14 -17.47 7.74
CA GLY C 119 1.46 -18.24 6.73
C GLY C 119 0.11 -18.79 7.14
N THR C 120 -0.40 -18.41 8.31
CA THR C 120 -1.65 -18.93 8.84
C THR C 120 -2.43 -17.79 9.48
N GLY C 121 -3.59 -17.45 8.91
CA GLY C 121 -4.42 -16.42 9.49
C GLY C 121 -4.49 -15.18 8.63
N PRO C 122 -4.94 -14.07 9.24
CA PRO C 122 -5.20 -12.86 8.45
C PRO C 122 -3.94 -12.04 8.19
N CYS C 123 -3.89 -11.45 7.01
CA CYS C 123 -2.85 -10.51 6.60
C CYS C 123 -3.50 -9.16 6.38
N THR C 124 -2.99 -8.14 7.06
CA THR C 124 -3.52 -6.79 6.98
C THR C 124 -3.01 -6.01 5.77
N ASN C 125 -1.96 -6.50 5.11
CA ASN C 125 -1.33 -5.84 3.97
C ASN C 125 -1.36 -6.81 2.79
N VAL C 126 -2.44 -6.77 2.02
CA VAL C 126 -2.64 -7.68 0.90
C VAL C 126 -2.46 -6.91 -0.40
N SER C 127 -1.80 -7.53 -1.37
CA SER C 127 -1.63 -6.93 -2.69
C SER C 127 -1.93 -7.97 -3.76
N THR C 128 -2.73 -7.59 -4.74
CA THR C 128 -3.06 -8.50 -5.82
C THR C 128 -2.03 -8.43 -6.93
N VAL C 129 -1.63 -9.59 -7.42
CA VAL C 129 -0.67 -9.75 -8.50
C VAL C 129 -1.24 -10.73 -9.52
N GLN C 130 -0.62 -10.71 -10.69
CA GLN C 130 -0.88 -11.66 -11.75
C GLN C 130 0.11 -12.81 -11.78
N CYS C 131 1.34 -12.58 -11.29
CA CYS C 131 2.37 -13.61 -11.26
C CYS C 131 3.14 -13.52 -9.95
N THR C 132 3.54 -14.67 -9.43
CA THR C 132 4.40 -14.71 -8.26
C THR C 132 5.81 -14.25 -8.64
N HIS C 133 6.64 -14.06 -7.61
CA HIS C 133 8.05 -13.80 -7.87
C HIS C 133 8.70 -15.05 -8.46
N GLY C 134 9.88 -14.87 -9.04
CA GLY C 134 10.62 -15.99 -9.62
C GLY C 134 11.06 -16.94 -8.54
N ILE C 135 10.58 -18.18 -8.58
CA ILE C 135 10.86 -19.18 -7.56
C ILE C 135 11.82 -20.21 -8.14
N ARG C 136 12.99 -20.35 -7.51
CA ARG C 136 13.97 -21.33 -7.94
C ARG C 136 13.60 -22.70 -7.40
N PRO C 137 13.28 -23.67 -8.25
CA PRO C 137 12.97 -25.02 -7.76
C PRO C 137 14.22 -25.74 -7.27
N VAL C 138 14.60 -25.54 -6.02
CA VAL C 138 15.81 -26.11 -5.46
C VAL C 138 15.43 -27.39 -4.72
N VAL C 139 15.87 -28.53 -5.24
CA VAL C 139 15.61 -29.83 -4.64
C VAL C 139 16.70 -30.11 -3.62
N SER C 140 16.32 -30.18 -2.35
CA SER C 140 17.29 -30.42 -1.28
C SER C 140 16.53 -30.89 -0.04
N THR C 141 17.29 -31.42 0.92
CA THR C 141 16.73 -31.91 2.18
C THR C 141 17.37 -31.19 3.36
N GLN C 142 16.65 -31.20 4.48
CA GLN C 142 17.09 -30.59 5.73
C GLN C 142 17.26 -29.08 5.61
N LEU C 143 18.25 -28.65 4.83
CA LEU C 143 18.46 -27.23 4.58
C LEU C 143 17.75 -26.80 3.31
N LEU C 144 17.28 -25.56 3.31
CA LEU C 144 16.66 -24.94 2.14
C LEU C 144 17.68 -23.99 1.51
N LEU C 145 17.97 -24.21 0.24
CA LEU C 145 19.04 -23.50 -0.45
C LEU C 145 18.48 -22.55 -1.49
N ASN C 146 19.10 -21.37 -1.60
CA ASN C 146 18.84 -20.40 -2.67
C ASN C 146 17.38 -19.96 -2.68
N GLY C 147 16.79 -19.80 -1.50
CA GLY C 147 15.42 -19.36 -1.36
C GLY C 147 15.32 -17.89 -0.97
N SER C 148 14.08 -17.47 -0.72
CA SER C 148 13.84 -16.12 -0.24
C SER C 148 14.23 -16.03 1.24
N LEU C 149 14.51 -14.80 1.66
CA LEU C 149 14.90 -14.52 3.05
C LEU C 149 13.80 -13.73 3.75
N ALA C 150 13.71 -13.91 5.06
CA ALA C 150 12.80 -13.09 5.85
C ALA C 150 13.26 -11.64 5.83
N GLU C 151 12.29 -10.73 5.92
CA GLU C 151 12.60 -9.32 5.73
C GLU C 151 13.13 -8.66 7.00
N GLU C 152 12.59 -9.02 8.17
CA GLU C 152 13.11 -8.48 9.41
C GLU C 152 13.61 -9.59 10.34
N GLU C 153 12.70 -10.22 11.07
CA GLU C 153 13.07 -11.26 12.02
C GLU C 153 13.02 -12.64 11.37
N VAL C 154 13.75 -13.58 11.97
CA VAL C 154 13.64 -14.98 11.58
C VAL C 154 12.21 -15.45 11.86
N VAL C 155 11.65 -16.21 10.92
CA VAL C 155 10.27 -16.67 11.05
C VAL C 155 10.27 -18.19 11.18
N ILE C 156 9.41 -18.69 12.06
CA ILE C 156 9.14 -20.12 12.17
C ILE C 156 7.65 -20.35 11.93
N ARG C 157 7.33 -21.36 11.14
CA ARG C 157 5.96 -21.61 10.71
C ARG C 157 5.62 -23.08 10.89
N SER C 158 4.42 -23.33 11.39
CA SER C 158 3.88 -24.68 11.53
C SER C 158 2.37 -24.60 11.48
N VAL C 159 1.74 -25.69 11.02
CA VAL C 159 0.29 -25.75 11.01
C VAL C 159 -0.26 -25.91 12.43
N ASN C 160 0.57 -26.40 13.36
CA ASN C 160 0.19 -26.60 14.75
C ASN C 160 1.44 -26.93 15.55
N PHE C 161 1.99 -25.94 16.26
CA PHE C 161 3.25 -26.14 16.97
C PHE C 161 3.10 -27.16 18.09
N THR C 162 1.90 -27.30 18.66
CA THR C 162 1.68 -28.30 19.70
C THR C 162 1.87 -29.71 19.15
N ASP C 163 1.59 -29.92 17.87
CA ASP C 163 1.81 -31.21 17.23
C ASP C 163 3.28 -31.32 16.87
N ASN C 164 4.00 -32.22 17.55
CA ASN C 164 5.40 -32.43 17.25
C ASN C 164 5.60 -33.08 15.89
N ALA C 165 4.61 -33.88 15.44
CA ALA C 165 4.75 -34.59 14.18
C ALA C 165 4.76 -33.64 12.98
N LYS C 166 4.03 -32.54 13.05
CA LYS C 166 3.95 -31.63 11.93
C LYS C 166 5.27 -30.87 11.76
N THR C 167 5.66 -30.66 10.50
CA THR C 167 6.94 -30.06 10.19
C THR C 167 6.99 -28.59 10.61
N ILE C 168 8.21 -28.09 10.81
CA ILE C 168 8.46 -26.71 11.20
C ILE C 168 9.36 -26.09 10.13
N ILE C 169 8.82 -25.14 9.37
CA ILE C 169 9.60 -24.44 8.36
C ILE C 169 10.23 -23.21 8.98
N VAL C 170 11.54 -23.07 8.84
CA VAL C 170 12.29 -21.95 9.39
C VAL C 170 12.81 -21.11 8.23
N GLN C 171 12.52 -19.82 8.24
CA GLN C 171 13.05 -18.87 7.27
C GLN C 171 13.98 -17.91 8.01
N LEU C 172 15.24 -17.89 7.59
CA LEU C 172 16.23 -17.00 8.19
C LEU C 172 16.16 -15.62 7.55
N ASN C 173 16.89 -14.68 8.15
CA ASN C 173 17.03 -13.34 7.57
C ASN C 173 18.45 -13.03 7.13
N THR C 174 19.40 -13.91 7.43
CA THR C 174 20.78 -13.78 6.95
C THR C 174 21.18 -15.10 6.32
N SER C 175 21.39 -15.09 5.00
CA SER C 175 21.75 -16.31 4.29
C SER C 175 23.15 -16.77 4.70
N VAL C 176 23.30 -18.06 4.96
CA VAL C 176 24.57 -18.63 5.41
C VAL C 176 25.19 -19.41 4.25
N GLU C 177 26.39 -19.02 3.86
CA GLU C 177 27.01 -19.61 2.67
C GLU C 177 27.55 -21.01 2.98
N ILE C 178 27.24 -21.96 2.11
CA ILE C 178 27.74 -23.33 2.20
C ILE C 178 28.44 -23.65 0.88
N ASN C 179 29.71 -24.06 0.96
CA ASN C 179 30.55 -24.23 -0.22
C ASN C 179 31.02 -25.68 -0.29
N CYS C 180 30.54 -26.41 -1.29
CA CYS C 180 30.83 -27.83 -1.39
C CYS C 180 31.66 -28.13 -2.63
N THR C 181 32.44 -29.21 -2.56
CA THR C 181 33.29 -29.63 -3.66
C THR C 181 33.66 -31.09 -3.49
N ARG C 182 34.05 -31.72 -4.60
CA ARG C 182 34.56 -33.09 -4.56
C ARG C 182 36.06 -33.13 -4.81
N ALA C 197 34.76 -34.96 -1.43
CA ALA C 197 33.41 -34.44 -1.30
C ALA C 197 33.16 -33.93 0.12
N HIS C 198 33.12 -32.60 0.26
CA HIS C 198 32.91 -31.97 1.55
C HIS C 198 32.25 -30.62 1.36
N CYS C 199 31.56 -30.18 2.41
CA CYS C 199 30.89 -28.89 2.45
C CYS C 199 31.46 -28.04 3.57
N ASN C 200 31.83 -26.80 3.27
CA ASN C 200 32.42 -25.88 4.23
C ASN C 200 31.41 -24.79 4.58
N ILE C 201 31.26 -24.55 5.88
CA ILE C 201 30.42 -23.49 6.41
C ILE C 201 31.20 -22.75 7.50
N SER C 202 30.84 -21.49 7.73
CA SER C 202 31.46 -20.73 8.80
C SER C 202 30.84 -21.10 10.13
N ARG C 203 31.69 -21.43 11.11
CA ARG C 203 31.18 -21.80 12.43
C ARG C 203 30.49 -20.64 13.13
N ALA C 204 30.95 -19.42 12.90
CA ALA C 204 30.31 -18.26 13.53
C ALA C 204 28.99 -17.90 12.83
N LYS C 205 29.03 -17.81 11.49
CA LYS C 205 27.83 -17.47 10.73
C LYS C 205 26.72 -18.48 10.90
N TRP C 206 27.05 -19.70 11.34
CA TRP C 206 26.06 -20.72 11.64
C TRP C 206 25.70 -20.78 13.12
N ASN C 207 26.67 -20.54 14.00
CA ASN C 207 26.40 -20.53 15.44
C ASN C 207 25.42 -19.43 15.80
N ASN C 208 25.62 -18.23 15.24
CA ASN C 208 24.66 -17.15 15.51
C ASN C 208 23.30 -17.47 14.91
N THR C 209 23.28 -18.06 13.71
CA THR C 209 22.02 -18.51 13.14
C THR C 209 21.29 -19.43 14.11
N LEU C 210 22.00 -20.41 14.67
CA LEU C 210 21.39 -21.35 15.61
C LEU C 210 20.88 -20.64 16.85
N LYS C 211 21.62 -19.65 17.35
CA LYS C 211 21.13 -18.84 18.47
C LYS C 211 19.79 -18.19 18.13
N GLN C 212 19.70 -17.59 16.95
CA GLN C 212 18.46 -16.96 16.52
C GLN C 212 17.31 -17.96 16.44
N ILE C 213 17.56 -19.12 15.84
CA ILE C 213 16.51 -20.13 15.71
C ILE C 213 16.06 -20.62 17.08
N ALA C 214 17.01 -20.80 18.01
CA ALA C 214 16.66 -21.27 19.35
C ALA C 214 15.79 -20.26 20.07
N SER C 215 16.14 -18.97 19.98
CA SER C 215 15.31 -17.96 20.62
C SER C 215 13.92 -17.89 19.99
N LYS C 216 13.84 -17.99 18.66
CA LYS C 216 12.54 -17.96 18.00
C LYS C 216 11.68 -19.13 18.44
N LEU C 217 12.28 -20.31 18.63
CA LEU C 217 11.52 -21.45 19.11
C LEU C 217 11.10 -21.26 20.56
N ARG C 218 11.97 -20.64 21.37
CA ARG C 218 11.60 -20.30 22.74
C ARG C 218 10.37 -19.41 22.76
N GLU C 219 10.21 -18.55 21.76
CA GLU C 219 9.02 -17.70 21.71
C GLU C 219 7.74 -18.52 21.64
N GLN C 220 7.77 -19.65 20.91
CA GLN C 220 6.57 -20.46 20.74
C GLN C 220 6.38 -21.49 21.85
N PHE C 221 7.47 -21.98 22.45
CA PHE C 221 7.36 -23.07 23.41
C PHE C 221 7.61 -22.68 24.86
N GLY C 222 8.06 -21.45 25.12
CA GLY C 222 8.26 -21.02 26.49
C GLY C 222 9.59 -20.34 26.74
N ASN C 223 9.58 -19.28 27.55
CA ASN C 223 10.78 -18.48 27.78
C ASN C 223 11.82 -19.16 28.65
N ASN C 224 11.46 -20.24 29.35
CA ASN C 224 12.43 -20.92 30.21
C ASN C 224 12.99 -22.19 29.58
N LYS C 225 12.35 -22.74 28.55
CA LYS C 225 12.75 -24.02 28.00
C LYS C 225 14.11 -23.93 27.30
N THR C 226 14.91 -24.98 27.44
CA THR C 226 16.18 -25.08 26.75
C THR C 226 15.98 -25.76 25.39
N ILE C 227 16.75 -25.30 24.40
CA ILE C 227 16.60 -25.76 23.02
C ILE C 227 17.79 -26.65 22.68
N ILE C 228 17.50 -27.87 22.25
CA ILE C 228 18.54 -28.83 21.87
C ILE C 228 18.42 -29.11 20.38
N PHE C 229 19.55 -29.21 19.71
CA PHE C 229 19.61 -29.58 18.30
C PHE C 229 20.39 -30.88 18.21
N LYS C 230 19.70 -31.97 17.87
CA LYS C 230 20.27 -33.29 17.68
C LYS C 230 20.18 -33.70 16.22
N GLN C 231 20.86 -34.80 15.89
CA GLN C 231 20.86 -35.33 14.54
C GLN C 231 19.53 -35.99 14.21
N SER C 232 19.26 -36.13 12.91
CA SER C 232 18.00 -36.71 12.43
C SER C 232 17.75 -38.07 13.06
N SER C 233 16.47 -38.31 13.40
CA SER C 233 16.05 -39.54 14.07
C SER C 233 15.83 -40.70 13.10
N GLY C 234 15.99 -40.49 11.80
CA GLY C 234 15.79 -41.54 10.82
C GLY C 234 16.91 -42.57 10.84
N GLY C 235 16.79 -43.53 9.94
CA GLY C 235 17.78 -44.58 9.82
C GLY C 235 18.34 -44.71 8.42
N ASP C 236 17.49 -44.58 7.41
CA ASP C 236 17.91 -44.69 6.01
C ASP C 236 18.92 -43.60 5.69
N PRO C 237 20.17 -43.95 5.33
CA PRO C 237 21.20 -42.94 5.08
C PRO C 237 20.80 -41.88 4.07
N GLU C 238 19.77 -42.15 3.27
CA GLU C 238 19.33 -41.20 2.26
C GLU C 238 18.76 -39.93 2.89
N ILE C 239 17.88 -40.10 3.89
CA ILE C 239 17.19 -38.96 4.47
C ILE C 239 17.95 -38.32 5.63
N VAL C 240 18.71 -39.11 6.38
CA VAL C 240 19.43 -38.59 7.55
C VAL C 240 20.45 -37.53 7.17
N THR C 241 20.79 -37.43 5.89
CA THR C 241 21.84 -36.53 5.43
C THR C 241 21.25 -35.34 4.67
N HIS C 242 22.09 -34.32 4.48
CA HIS C 242 21.76 -33.18 3.64
C HIS C 242 22.05 -33.56 2.20
N SER C 243 21.00 -33.66 1.39
CA SER C 243 21.11 -34.15 0.02
C SER C 243 20.75 -33.02 -0.95
N PHE C 244 21.57 -32.86 -2.00
CA PHE C 244 21.34 -31.75 -2.93
C PHE C 244 22.19 -31.95 -4.18
N ASN C 245 21.72 -31.43 -5.30
CA ASN C 245 22.50 -31.43 -6.52
C ASN C 245 23.53 -30.31 -6.48
N CYS C 246 24.79 -30.64 -6.81
CA CYS C 246 25.90 -29.68 -6.75
C CYS C 246 26.78 -29.89 -7.99
N GLY C 247 26.34 -29.33 -9.11
CA GLY C 247 27.13 -29.35 -10.34
C GLY C 247 26.89 -30.57 -11.19
N GLY C 248 25.65 -31.04 -11.28
CA GLY C 248 25.31 -32.22 -12.04
C GLY C 248 25.40 -33.52 -11.27
N GLU C 249 25.99 -33.51 -10.09
CA GLU C 249 26.05 -34.68 -9.21
C GLU C 249 25.21 -34.44 -7.97
N PHE C 250 24.81 -35.52 -7.33
CA PHE C 250 23.95 -35.46 -6.15
C PHE C 250 24.76 -35.83 -4.91
N PHE C 251 24.96 -34.85 -4.04
CA PHE C 251 25.72 -34.99 -2.82
C PHE C 251 24.82 -35.38 -1.65
N TYR C 252 25.32 -36.27 -0.81
CA TYR C 252 24.71 -36.63 0.47
C TYR C 252 25.77 -36.37 1.53
N CYS C 253 25.49 -35.44 2.44
CA CYS C 253 26.49 -34.94 3.38
C CYS C 253 26.01 -35.12 4.82
N ASN C 254 26.95 -35.47 5.71
CA ASN C 254 26.63 -35.70 7.10
C ASN C 254 26.32 -34.37 7.79
N SER C 255 25.09 -34.22 8.27
CA SER C 255 24.61 -32.98 8.86
C SER C 255 24.77 -32.93 10.38
N THR C 256 25.47 -33.91 10.97
CA THR C 256 25.52 -34.00 12.43
C THR C 256 26.19 -32.77 13.04
N GLN C 257 27.29 -32.31 12.45
CA GLN C 257 28.02 -31.18 13.00
C GLN C 257 27.19 -29.92 13.09
N LEU C 258 26.14 -29.81 12.28
CA LEU C 258 25.24 -28.66 12.32
C LEU C 258 24.12 -28.82 13.33
N PHE C 259 23.92 -30.02 13.89
CA PHE C 259 22.82 -30.28 14.81
C PHE C 259 23.33 -31.08 16.01
N ASN C 260 24.19 -30.44 16.81
CA ASN C 260 24.70 -31.00 18.06
C ASN C 260 24.92 -29.82 19.00
N SER C 261 23.83 -29.17 19.38
CA SER C 261 23.94 -27.93 20.13
C SER C 261 22.94 -27.90 21.28
N THR C 262 23.28 -27.11 22.30
CA THR C 262 22.51 -27.03 23.55
C THR C 262 22.44 -25.56 23.96
N TRP C 263 21.25 -24.99 24.00
CA TRP C 263 21.05 -23.57 24.27
C TRP C 263 20.18 -23.43 25.51
N PHE C 264 20.71 -22.78 26.54
CA PHE C 264 20.03 -22.64 27.82
C PHE C 264 19.39 -21.27 27.97
N ASP C 280 37.82 -23.34 12.89
CA ASP C 280 36.66 -22.45 12.99
C ASP C 280 35.73 -22.61 11.79
N THR C 281 36.02 -23.60 10.96
CA THR C 281 35.19 -23.96 9.83
C THR C 281 34.54 -25.32 10.06
N ILE C 282 33.32 -25.46 9.58
CA ILE C 282 32.57 -26.71 9.66
C ILE C 282 32.73 -27.42 8.33
N THR C 283 33.30 -28.62 8.36
CA THR C 283 33.51 -29.43 7.16
C THR C 283 32.62 -30.68 7.30
N LEU C 284 31.62 -30.77 6.44
CA LEU C 284 30.71 -31.91 6.41
C LEU C 284 31.21 -32.89 5.37
N PRO C 285 31.44 -34.16 5.73
CA PRO C 285 31.84 -35.16 4.73
C PRO C 285 30.67 -35.54 3.86
N CYS C 286 30.95 -35.77 2.58
CA CYS C 286 29.91 -35.98 1.58
C CYS C 286 30.21 -37.21 0.74
N ARG C 287 29.20 -37.62 -0.02
CA ARG C 287 29.29 -38.75 -0.93
C ARG C 287 28.44 -38.44 -2.16
N ILE C 288 28.94 -38.79 -3.33
CA ILE C 288 28.23 -38.57 -4.59
C ILE C 288 27.49 -39.85 -4.95
N LYS C 289 26.15 -39.76 -5.00
CA LYS C 289 25.32 -40.92 -5.32
C LYS C 289 24.76 -40.78 -6.73
N GLN C 290 24.93 -41.83 -7.53
CA GLN C 290 24.42 -41.83 -8.89
C GLN C 290 22.94 -42.23 -8.87
N ILE C 291 22.11 -41.42 -9.50
CA ILE C 291 20.68 -41.73 -9.63
C ILE C 291 20.51 -42.71 -10.79
N ILE C 292 19.95 -43.88 -10.49
CA ILE C 292 19.74 -44.92 -11.49
C ILE C 292 18.27 -45.26 -11.52
N ASN C 293 17.63 -45.01 -12.66
CA ASN C 293 16.21 -45.35 -12.84
C ASN C 293 16.08 -46.86 -12.96
N MET C 294 15.45 -47.48 -11.96
CA MET C 294 15.60 -48.91 -11.73
C MET C 294 14.81 -49.79 -12.70
N TRP C 295 13.87 -49.23 -13.45
CA TRP C 295 13.03 -50.04 -14.34
C TRP C 295 13.43 -49.97 -15.80
N GLN C 296 14.44 -49.17 -16.13
CA GLN C 296 14.96 -49.16 -17.50
C GLN C 296 15.86 -50.37 -17.72
N LYS C 297 16.02 -50.73 -18.99
CA LYS C 297 16.91 -51.81 -19.36
C LYS C 297 18.33 -51.30 -19.55
N VAL C 298 19.28 -52.22 -19.53
CA VAL C 298 20.69 -51.87 -19.59
C VAL C 298 21.24 -52.10 -20.99
N ILE C 311 34.77 -29.62 -9.98
CA ILE C 311 33.48 -29.91 -9.37
C ILE C 311 33.37 -29.17 -8.04
N ARG C 312 32.30 -28.37 -7.91
CA ARG C 312 32.24 -27.30 -6.93
C ARG C 312 30.92 -26.56 -7.01
N CYS C 313 30.50 -25.96 -5.90
CA CYS C 313 29.31 -25.12 -5.88
C CYS C 313 29.26 -24.34 -4.58
N SER C 314 28.60 -23.17 -4.64
CA SER C 314 28.34 -22.35 -3.47
C SER C 314 26.85 -22.05 -3.42
N SER C 315 26.26 -22.15 -2.23
CA SER C 315 24.83 -22.00 -2.09
C SER C 315 24.52 -21.19 -0.83
N ASN C 316 23.32 -20.61 -0.83
CA ASN C 316 22.79 -19.88 0.32
C ASN C 316 21.89 -20.82 1.11
N ILE C 317 22.19 -21.01 2.39
CA ILE C 317 21.23 -21.56 3.33
C ILE C 317 20.30 -20.42 3.73
N THR C 318 19.03 -20.51 3.30
CA THR C 318 18.04 -19.50 3.61
C THR C 318 16.96 -20.01 4.56
N GLY C 319 16.84 -21.33 4.73
CA GLY C 319 15.82 -21.89 5.59
C GLY C 319 16.19 -23.28 6.06
N LEU C 320 15.34 -23.81 6.93
CA LEU C 320 15.54 -25.10 7.56
C LEU C 320 14.21 -25.82 7.69
N LEU C 321 14.28 -27.13 7.82
CA LEU C 321 13.10 -27.97 8.04
C LEU C 321 13.35 -28.80 9.31
N LEU C 322 12.58 -28.52 10.35
CA LEU C 322 12.80 -29.14 11.66
C LEU C 322 11.57 -29.94 12.09
N THR C 323 11.80 -30.83 13.05
CA THR C 323 10.74 -31.62 13.65
C THR C 323 10.97 -31.69 15.15
N ARG C 324 9.92 -31.47 15.92
CA ARG C 324 10.01 -31.55 17.37
C ARG C 324 9.86 -32.99 17.83
N ASP C 325 10.64 -33.37 18.84
CA ASP C 325 10.63 -34.72 19.38
C ASP C 325 9.72 -34.76 20.61
N GLY C 326 8.87 -35.77 20.66
CA GLY C 326 7.95 -35.93 21.78
C GLY C 326 6.80 -36.86 21.48
N ASN C 331 10.09 -32.66 29.77
CA ASN C 331 10.54 -31.98 30.98
C ASN C 331 10.65 -30.47 30.77
N GLU C 332 11.86 -29.95 30.93
CA GLU C 332 12.16 -28.53 30.77
C GLU C 332 13.00 -28.27 29.52
N SER C 333 12.90 -29.17 28.54
CA SER C 333 13.68 -29.07 27.32
C SER C 333 12.82 -29.41 26.12
N GLU C 334 13.29 -29.03 24.93
CA GLU C 334 12.63 -29.38 23.68
C GLU C 334 13.68 -29.82 22.67
N ILE C 335 13.41 -30.92 21.99
CA ILE C 335 14.36 -31.52 21.05
C ILE C 335 13.90 -31.17 19.64
N PHE C 336 14.82 -30.66 18.83
CA PHE C 336 14.56 -30.36 17.43
C PHE C 336 15.55 -31.11 16.57
N ARG C 337 15.03 -31.92 15.65
CA ARG C 337 15.88 -32.68 14.74
C ARG C 337 15.58 -32.29 13.30
N PRO C 338 16.59 -32.26 12.43
CA PRO C 338 16.35 -31.85 11.04
C PRO C 338 15.46 -32.82 10.28
N GLY C 339 14.20 -32.43 10.08
CA GLY C 339 13.26 -33.20 9.30
C GLY C 339 13.38 -32.91 7.82
N GLY C 340 12.27 -33.05 7.11
CA GLY C 340 12.20 -32.74 5.70
C GLY C 340 11.80 -33.96 4.88
N GLY C 341 12.38 -34.06 3.68
CA GLY C 341 12.06 -35.15 2.78
C GLY C 341 11.00 -34.78 1.76
N ASP C 342 9.80 -34.48 2.23
CA ASP C 342 8.70 -34.09 1.35
C ASP C 342 9.00 -32.73 0.73
N MET C 343 9.07 -32.68 -0.60
CA MET C 343 9.39 -31.44 -1.29
C MET C 343 8.24 -30.45 -1.28
N ARG C 344 7.05 -30.86 -0.85
CA ARG C 344 5.95 -29.91 -0.69
C ARG C 344 6.30 -28.82 0.30
N ASP C 345 7.03 -29.17 1.37
CA ASP C 345 7.47 -28.16 2.32
C ASP C 345 8.55 -27.27 1.72
N ASN C 346 9.35 -27.81 0.80
CA ASN C 346 10.33 -26.98 0.10
C ASN C 346 9.65 -25.94 -0.77
N TRP C 347 8.61 -26.34 -1.52
CA TRP C 347 7.88 -25.36 -2.31
C TRP C 347 7.06 -24.43 -1.44
N ARG C 348 6.51 -24.95 -0.34
CA ARG C 348 5.66 -24.18 0.55
C ARG C 348 6.44 -23.08 1.27
N SER C 349 7.75 -23.24 1.43
CA SER C 349 8.57 -22.20 2.02
C SER C 349 8.63 -20.95 1.16
N GLU C 350 8.27 -21.05 -0.12
CA GLU C 350 8.26 -19.93 -1.04
C GLU C 350 6.87 -19.47 -1.43
N LEU C 351 5.93 -20.40 -1.60
CA LEU C 351 4.57 -20.09 -1.99
C LEU C 351 3.66 -19.78 -0.80
N TYR C 352 4.23 -19.59 0.40
CA TYR C 352 3.42 -19.42 1.60
C TYR C 352 2.61 -18.12 1.57
N LYS C 353 3.16 -17.07 0.98
CA LYS C 353 2.54 -15.76 1.02
C LYS C 353 1.65 -15.48 -0.19
N TYR C 354 1.30 -16.51 -0.96
CA TYR C 354 0.43 -16.35 -2.12
C TYR C 354 -0.84 -17.17 -1.94
N LYS C 355 -1.90 -16.77 -2.64
CA LYS C 355 -3.18 -17.44 -2.54
C LYS C 355 -4.00 -17.10 -3.78
N VAL C 356 -4.66 -18.08 -4.36
CA VAL C 356 -5.41 -17.89 -5.60
C VAL C 356 -6.89 -17.69 -5.27
N VAL C 357 -7.49 -16.67 -5.88
CA VAL C 357 -8.91 -16.39 -5.70
C VAL C 357 -9.57 -16.25 -7.06
N LYS C 358 -10.87 -16.56 -7.09
CA LYS C 358 -11.68 -16.48 -8.31
C LYS C 358 -12.48 -15.18 -8.28
N ILE C 359 -12.30 -14.35 -9.30
CA ILE C 359 -13.04 -13.10 -9.40
C ILE C 359 -14.44 -13.36 -9.94
N ALA D 1 -20.52 34.08 -17.33
CA ALA D 1 -19.46 34.82 -16.65
C ALA D 1 -19.73 36.31 -16.68
N VAL D 2 -18.73 37.10 -16.30
CA VAL D 2 -18.85 38.54 -16.17
C VAL D 2 -17.66 39.20 -16.87
N GLN D 3 -17.91 40.33 -17.54
CA GLN D 3 -16.86 41.11 -18.17
C GLN D 3 -16.87 42.52 -17.61
N LEU D 4 -15.71 42.95 -17.13
CA LEU D 4 -15.50 44.30 -16.60
C LEU D 4 -14.61 45.08 -17.57
N VAL D 5 -14.94 46.35 -17.79
CA VAL D 5 -14.13 47.23 -18.63
C VAL D 5 -13.77 48.46 -17.81
N ASP D 6 -12.48 48.71 -17.64
CA ASP D 6 -11.98 49.90 -16.96
C ASP D 6 -11.66 50.97 -17.99
N SER D 7 -11.95 52.23 -17.64
CA SER D 7 -11.60 53.35 -18.50
C SER D 7 -11.55 54.62 -17.66
N GLY D 8 -10.98 55.67 -18.23
CA GLY D 8 -10.96 56.99 -17.62
C GLY D 8 -9.57 57.50 -17.30
N GLY D 9 -8.63 56.61 -17.02
CA GLY D 9 -7.30 57.04 -16.62
C GLY D 9 -6.59 57.84 -17.68
N GLY D 10 -5.63 58.64 -17.24
CA GLY D 10 -4.86 59.46 -18.15
C GLY D 10 -3.96 60.41 -17.38
N LEU D 11 -3.41 61.37 -18.13
CA LEU D 11 -2.52 62.38 -17.57
C LEU D 11 -3.32 63.59 -17.11
N VAL D 12 -3.16 63.96 -15.85
CA VAL D 12 -3.67 65.21 -15.31
C VAL D 12 -2.56 65.84 -14.45
N GLN D 13 -2.81 67.05 -13.97
CA GLN D 13 -1.87 67.74 -13.10
C GLN D 13 -2.35 67.67 -11.65
N ALA D 14 -1.40 67.90 -10.74
CA ALA D 14 -1.71 67.80 -9.31
C ALA D 14 -2.81 68.78 -8.93
N GLY D 15 -3.79 68.30 -8.18
CA GLY D 15 -4.95 69.09 -7.85
C GLY D 15 -6.10 68.97 -8.83
N GLY D 16 -5.95 68.19 -9.89
CA GLY D 16 -7.01 67.96 -10.84
C GLY D 16 -7.92 66.83 -10.42
N SER D 17 -8.95 66.59 -11.23
CA SER D 17 -9.95 65.57 -10.94
C SER D 17 -10.05 64.61 -12.12
N LEU D 18 -10.40 63.37 -11.81
CA LEU D 18 -10.62 62.34 -12.81
C LEU D 18 -11.87 61.55 -12.44
N ARG D 19 -12.40 60.82 -13.42
CA ARG D 19 -13.57 59.97 -13.18
C ARG D 19 -13.34 58.65 -13.89
N LEU D 20 -12.93 57.64 -13.15
CA LEU D 20 -12.76 56.31 -13.70
C LEU D 20 -14.12 55.60 -13.76
N SER D 21 -14.34 54.88 -14.86
CA SER D 21 -15.58 54.15 -15.06
C SER D 21 -15.27 52.66 -15.21
N CYS D 22 -16.07 51.84 -14.54
CA CYS D 22 -16.01 50.39 -14.66
C CYS D 22 -17.36 49.94 -15.18
N VAL D 23 -17.42 49.56 -16.45
CA VAL D 23 -18.63 49.08 -17.08
C VAL D 23 -18.72 47.58 -16.90
N VAL D 24 -19.94 47.10 -16.63
CA VAL D 24 -20.22 45.75 -16.17
C VAL D 24 -21.13 45.09 -17.19
N SER D 25 -20.80 43.85 -17.59
CA SER D 25 -21.65 43.15 -18.54
C SER D 25 -21.60 41.66 -18.29
N GLY D 26 -22.65 40.96 -18.74
CA GLY D 26 -22.74 39.52 -18.60
C GLY D 26 -23.75 39.06 -17.57
N SER D 27 -23.40 38.00 -16.83
CA SER D 27 -24.25 37.51 -15.75
C SER D 27 -23.94 38.31 -14.48
N ILE D 28 -24.40 39.57 -14.50
CA ILE D 28 -24.02 40.55 -13.49
C ILE D 28 -24.93 40.54 -12.27
N PHE D 29 -26.02 39.78 -12.29
CA PHE D 29 -27.00 39.81 -11.23
C PHE D 29 -26.60 38.95 -10.03
N SER D 30 -25.32 38.57 -9.93
CA SER D 30 -24.79 37.88 -8.76
C SER D 30 -23.71 38.70 -8.07
N ILE D 31 -23.44 39.91 -8.53
CA ILE D 31 -22.44 40.77 -7.93
C ILE D 31 -23.03 41.40 -6.68
N ASN D 32 -22.34 41.24 -5.55
CA ASN D 32 -22.77 41.85 -4.30
C ASN D 32 -21.78 42.89 -3.77
N ALA D 33 -20.65 43.08 -4.45
CA ALA D 33 -19.66 44.07 -4.03
C ALA D 33 -18.62 44.32 -5.12
N MET D 34 -18.42 45.57 -5.49
CA MET D 34 -17.35 45.93 -6.42
C MET D 34 -16.37 46.86 -5.73
N GLY D 35 -15.23 47.08 -6.40
CA GLY D 35 -14.18 47.88 -5.80
C GLY D 35 -13.13 48.25 -6.82
N TRP D 36 -12.17 49.03 -6.36
CA TRP D 36 -11.06 49.49 -7.19
C TRP D 36 -9.75 49.20 -6.48
N TYR D 37 -8.89 48.44 -7.14
CA TYR D 37 -7.52 48.25 -6.70
C TYR D 37 -6.61 49.12 -7.56
N ARG D 38 -5.44 49.43 -7.02
CA ARG D 38 -4.44 50.17 -7.79
C ARG D 38 -3.06 49.61 -7.50
N GLN D 39 -2.23 49.53 -8.54
CA GLN D 39 -0.88 49.00 -8.41
C GLN D 39 0.07 49.84 -9.22
N ALA D 40 1.15 50.25 -8.61
CA ALA D 40 2.21 50.94 -9.33
C ALA D 40 3.39 50.01 -9.54
N PRO D 41 4.09 50.16 -10.68
CA PRO D 41 5.24 49.28 -10.96
C PRO D 41 6.26 49.25 -9.83
N GLY D 42 6.38 48.10 -9.18
CA GLY D 42 7.31 47.93 -8.07
C GLY D 42 6.68 47.95 -6.70
N LYS D 43 5.36 47.98 -6.60
CA LYS D 43 4.67 48.01 -5.31
C LYS D 43 3.58 46.94 -5.29
N GLN D 44 3.06 46.69 -4.09
CA GLN D 44 1.98 45.73 -3.92
C GLN D 44 0.64 46.37 -4.28
N ARG D 45 -0.39 45.52 -4.39
CA ARG D 45 -1.73 46.00 -4.69
C ARG D 45 -2.26 46.86 -3.54
N ASP D 46 -3.28 47.65 -3.84
CA ASP D 46 -3.91 48.53 -2.86
C ASP D 46 -5.40 48.61 -3.17
N LEU D 47 -6.22 48.00 -2.33
CA LEU D 47 -7.66 48.22 -2.40
C LEU D 47 -7.96 49.65 -1.95
N VAL D 48 -8.31 50.51 -2.90
CA VAL D 48 -8.48 51.93 -2.59
C VAL D 48 -9.92 52.26 -2.17
N ALA D 49 -10.90 51.52 -2.67
CA ALA D 49 -12.29 51.84 -2.40
C ALA D 49 -13.14 50.64 -2.78
N ARG D 50 -14.28 50.50 -2.11
CA ARG D 50 -15.20 49.43 -2.42
C ARG D 50 -16.61 49.84 -2.05
N ILE D 51 -17.58 49.41 -2.86
CA ILE D 51 -18.99 49.61 -2.62
C ILE D 51 -19.66 48.25 -2.58
N SER D 52 -20.65 48.10 -1.70
CA SER D 52 -21.37 46.85 -1.53
C SER D 52 -22.80 46.98 -2.05
N GLY D 53 -23.51 45.87 -2.02
CA GLY D 53 -24.89 45.86 -2.50
C GLY D 53 -25.80 46.80 -1.73
N ASP D 54 -25.56 46.95 -0.43
CA ASP D 54 -26.35 47.83 0.42
C ASP D 54 -25.82 49.26 0.41
N SER D 55 -25.02 49.63 -0.60
CA SER D 55 -24.51 50.98 -0.84
C SER D 55 -23.56 51.47 0.25
N SER D 56 -23.10 50.60 1.14
CA SER D 56 -22.05 50.99 2.06
C SER D 56 -20.70 50.97 1.35
N THR D 57 -19.77 51.80 1.83
CA THR D 57 -18.51 52.01 1.13
C THR D 57 -17.35 51.94 2.10
N TYR D 58 -16.17 51.68 1.54
CA TYR D 58 -14.92 51.74 2.27
C TYR D 58 -13.88 52.44 1.42
N TYR D 59 -13.05 53.27 2.06
CA TYR D 59 -11.91 53.94 1.43
C TYR D 59 -10.70 53.81 2.33
N ILE D 60 -9.52 53.66 1.73
CA ILE D 60 -8.30 53.71 2.52
C ILE D 60 -8.08 55.12 3.04
N ASP D 61 -7.27 55.23 4.10
CA ASP D 61 -7.05 56.52 4.74
C ASP D 61 -6.40 57.52 3.80
N SER D 62 -5.62 57.04 2.83
CA SER D 62 -4.93 57.95 1.92
C SER D 62 -5.91 58.70 1.01
N VAL D 63 -7.07 58.11 0.74
CA VAL D 63 -8.03 58.68 -0.21
C VAL D 63 -9.29 59.16 0.47
N LYS D 64 -9.42 59.00 1.79
CA LYS D 64 -10.62 59.44 2.49
C LYS D 64 -10.76 60.94 2.41
N GLY D 65 -11.82 61.41 1.75
CA GLY D 65 -12.08 62.82 1.53
C GLY D 65 -11.85 63.26 0.10
N ARG D 66 -11.01 62.55 -0.63
CA ARG D 66 -10.70 62.90 -2.02
C ARG D 66 -11.39 62.00 -3.04
N PHE D 67 -11.70 60.75 -2.67
CA PHE D 67 -12.25 59.79 -3.61
C PHE D 67 -13.71 59.49 -3.26
N THR D 68 -14.50 59.19 -4.28
CA THR D 68 -15.90 58.84 -4.11
C THR D 68 -16.27 57.73 -5.09
N ILE D 69 -16.80 56.63 -4.56
CA ILE D 69 -17.25 55.51 -5.39
C ILE D 69 -18.78 55.52 -5.41
N SER D 70 -19.34 55.29 -6.59
CA SER D 70 -20.79 55.36 -6.75
C SER D 70 -21.22 54.42 -7.87
N ARG D 71 -22.54 54.24 -7.98
CA ARG D 71 -23.13 53.25 -8.89
C ARG D 71 -24.15 53.93 -9.80
N ASP D 72 -24.09 53.61 -11.09
CA ASP D 72 -25.05 54.06 -12.09
C ASP D 72 -25.83 52.84 -12.57
N ASN D 73 -27.08 52.72 -12.12
CA ASN D 73 -27.91 51.56 -12.44
C ASN D 73 -28.35 51.56 -13.89
N ALA D 74 -28.72 52.74 -14.42
CA ALA D 74 -29.20 52.82 -15.79
C ALA D 74 -28.10 52.49 -16.79
N ALA D 75 -26.83 52.60 -16.40
CA ALA D 75 -25.70 52.35 -17.30
C ALA D 75 -24.89 51.13 -16.91
N ASN D 76 -25.28 50.42 -15.84
CA ASN D 76 -24.54 49.26 -15.34
C ASN D 76 -23.08 49.61 -15.08
N THR D 77 -22.84 50.81 -14.55
CA THR D 77 -21.49 51.32 -14.40
C THR D 77 -21.19 51.62 -12.93
N VAL D 78 -19.92 51.58 -12.58
CA VAL D 78 -19.46 52.03 -11.27
C VAL D 78 -18.41 53.11 -11.49
N TYR D 79 -18.65 54.28 -10.90
CA TYR D 79 -17.78 55.44 -11.08
C TYR D 79 -16.90 55.62 -9.84
N LEU D 80 -15.66 56.03 -10.09
CA LEU D 80 -14.71 56.41 -9.06
C LEU D 80 -14.25 57.83 -9.39
N GLN D 81 -14.80 58.81 -8.67
CA GLN D 81 -14.42 60.21 -8.80
C GLN D 81 -13.22 60.49 -7.92
N MET D 82 -12.13 60.94 -8.53
CA MET D 82 -10.88 61.23 -7.83
C MET D 82 -10.66 62.73 -7.84
N ASN D 83 -10.58 63.33 -6.65
CA ASN D 83 -10.37 64.76 -6.50
C ASN D 83 -9.10 65.01 -5.70
N SER D 84 -8.61 66.25 -5.79
CA SER D 84 -7.37 66.66 -5.12
C SER D 84 -6.25 65.66 -5.38
N LEU D 85 -6.08 65.30 -6.65
CA LEU D 85 -5.14 64.25 -7.03
C LEU D 85 -3.71 64.64 -6.68
N LYS D 86 -2.98 63.68 -6.13
CA LYS D 86 -1.58 63.86 -5.74
C LYS D 86 -0.69 62.91 -6.53
N PRO D 87 0.57 63.29 -6.75
CA PRO D 87 1.53 62.37 -7.39
C PRO D 87 1.53 60.96 -6.81
N GLU D 88 1.16 60.78 -5.54
CA GLU D 88 1.08 59.46 -4.95
C GLU D 88 -0.12 58.65 -5.42
N ASP D 89 -0.92 59.19 -6.35
CA ASP D 89 -2.06 58.48 -6.91
C ASP D 89 -1.75 57.83 -8.25
N THR D 90 -0.52 57.94 -8.75
CA THR D 90 -0.16 57.41 -10.06
C THR D 90 0.01 55.90 -9.99
N ALA D 91 -0.81 55.18 -10.77
CA ALA D 91 -0.76 53.73 -10.82
C ALA D 91 -1.73 53.20 -11.88
N VAL D 92 -1.78 51.88 -12.05
CA VAL D 92 -2.81 51.25 -12.87
C VAL D 92 -3.95 50.84 -11.95
N TYR D 93 -5.16 51.31 -12.26
CA TYR D 93 -6.35 51.03 -11.48
C TYR D 93 -7.16 49.95 -12.17
N TYR D 94 -7.59 48.95 -11.41
CA TYR D 94 -8.46 47.89 -11.90
C TYR D 94 -9.75 47.89 -11.09
N CYS D 95 -10.88 47.75 -11.78
CA CYS D 95 -12.14 47.52 -11.08
C CYS D 95 -12.35 46.02 -10.94
N ALA D 96 -12.96 45.64 -9.82
CA ALA D 96 -13.17 44.24 -9.48
C ALA D 96 -14.58 44.06 -8.95
N ALA D 97 -15.09 42.84 -9.09
CA ALA D 97 -16.43 42.49 -8.62
C ALA D 97 -16.37 41.13 -7.95
N ARG D 98 -17.24 40.95 -6.96
CA ARG D 98 -17.30 39.72 -6.17
C ARG D 98 -18.61 39.01 -6.50
N ARG D 99 -18.53 37.75 -6.92
CA ARG D 99 -19.70 36.96 -7.25
C ARG D 99 -19.93 35.83 -6.26
N LEU D 100 -19.10 35.71 -5.23
CA LEU D 100 -19.28 34.85 -4.09
C LEU D 100 -19.75 35.68 -2.89
N PRO D 101 -20.55 35.11 -1.99
CA PRO D 101 -21.12 35.92 -0.90
C PRO D 101 -20.06 36.53 0.03
N ILE D 102 -18.88 35.94 0.13
CA ILE D 102 -17.81 36.45 0.96
C ILE D 102 -16.48 36.21 0.25
N GLY D 103 -15.40 36.66 0.87
CA GLY D 103 -14.07 36.46 0.32
C GLY D 103 -13.61 37.60 -0.56
N ASP D 104 -12.46 37.39 -1.18
CA ASP D 104 -11.87 38.37 -2.08
C ASP D 104 -12.61 38.36 -3.43
N TYR D 105 -12.22 39.27 -4.31
CA TYR D 105 -12.94 39.46 -5.55
C TYR D 105 -12.67 38.31 -6.53
N THR D 106 -13.63 38.12 -7.44
CA THR D 106 -13.60 37.01 -8.38
C THR D 106 -13.42 37.43 -9.82
N ASP D 107 -13.69 38.69 -10.16
CA ASP D 107 -13.61 39.16 -11.54
C ASP D 107 -12.85 40.47 -11.58
N TRP D 108 -12.04 40.66 -12.61
CA TRP D 108 -11.14 41.80 -12.69
C TRP D 108 -11.14 42.36 -14.11
N GLY D 109 -10.85 43.66 -14.20
CA GLY D 109 -10.75 44.33 -15.48
C GLY D 109 -9.32 44.36 -15.99
N GLN D 110 -9.16 44.97 -17.17
CA GLN D 110 -7.85 45.05 -17.81
C GLN D 110 -6.97 46.16 -17.24
N GLY D 111 -7.55 47.12 -16.55
CA GLY D 111 -6.79 48.18 -15.93
C GLY D 111 -6.73 49.44 -16.79
N THR D 112 -6.57 50.58 -16.11
CA THR D 112 -6.42 51.87 -16.77
C THR D 112 -5.35 52.67 -16.04
N GLN D 113 -4.53 53.41 -16.79
CA GLN D 113 -3.36 54.05 -16.23
C GLN D 113 -3.69 55.48 -15.80
N VAL D 114 -3.42 55.81 -14.53
CA VAL D 114 -3.59 57.15 -13.99
C VAL D 114 -2.21 57.69 -13.65
N THR D 115 -1.89 58.85 -14.21
CA THR D 115 -0.63 59.53 -13.96
C THR D 115 -0.90 61.00 -13.65
N VAL D 116 -0.14 61.55 -12.72
CA VAL D 116 -0.27 62.95 -12.35
C VAL D 116 1.11 63.50 -12.01
N SER D 117 1.38 64.70 -12.50
CA SER D 117 2.68 65.34 -12.33
C SER D 117 2.56 66.53 -11.39
N SER D 118 3.72 67.02 -10.97
CA SER D 118 3.77 68.20 -10.13
C SER D 118 4.83 69.16 -10.67
#